data_9R9J
#
_entry.id   9R9J
#
_cell.length_a   143.290
_cell.length_b   140.240
_cell.length_c   88.800
_cell.angle_alpha   90.00
_cell.angle_beta   124.06
_cell.angle_gamma   90.00
#
_symmetry.space_group_name_H-M   'C 1 2 1'
#
loop_
_entity.id
_entity.type
_entity.pdbx_description
1 polymer 'Interleukin-1 receptor-associated kinase 4'
2 non-polymer ~{N}-[2-(3-methyl-3-oxidanyl-butyl)-6-(2-oxidanylpropan-2-yl)indazol-5-yl]-1-(2-methylpyridin-4-yl)pyrazole-3-carboxamide
3 water water
#
_entity_poly.entity_id   1
_entity_poly.type   'polypeptide(L)'
_entity_poly.pdbx_seq_one_letter_code
;GENKSLEVSDTRFHSFSFYELKNVTNNFDERPISVGGNKMGEGGFGVVYKGYVNNTTVAVKKLAAMVDITTEELKQQFDQ
EIKVMAKCQHENLVELLGFSSDGDDLCLVYVYMPNGSLLDRLSCLDGTPPLSWHMRCKIAQGAANGINFLHENHHIHRDI
KSANILLDEAFTAKISDFGLARASEKFAQTVM(TPO)(SEP)RIVGTTAYMAPEALRGEITPKSDIYSFGVVLLEIITGL
PAVDEHREPQLLLDIKEEIEDEEKTIEDYIDKKMNDADSTSVEAMYSVASQCLHEKKNKRPDIKKVQQLLQEMTAS
;
_entity_poly.pdbx_strand_id   A,B,C,D
#
# COMPACT_ATOMS: atom_id res chain seq x y z
N SER A 9 21.21 -18.91 29.00
CA SER A 9 22.30 -19.33 28.11
C SER A 9 21.81 -20.33 27.06
N ASP A 10 22.57 -20.46 25.95
CA ASP A 10 22.23 -21.38 24.88
C ASP A 10 22.95 -22.73 24.99
N THR A 11 23.65 -22.92 26.10
CA THR A 11 24.50 -24.07 26.39
C THR A 11 23.82 -25.16 27.26
N ARG A 12 22.66 -24.85 27.84
CA ARG A 12 21.98 -25.78 28.72
C ARG A 12 20.44 -25.71 28.61
N PHE A 13 19.77 -26.78 29.07
CA PHE A 13 18.31 -26.85 29.15
C PHE A 13 17.96 -26.21 30.50
N HIS A 14 16.97 -25.30 30.50
CA HIS A 14 16.58 -24.60 31.72
C HIS A 14 15.32 -25.19 32.31
N SER A 15 15.36 -25.59 33.58
CA SER A 15 14.14 -26.04 34.25
C SER A 15 13.48 -24.76 34.77
N PHE A 16 12.24 -24.50 34.35
CA PHE A 16 11.51 -23.29 34.74
C PHE A 16 10.45 -23.63 35.77
N SER A 17 10.09 -22.62 36.58
CA SER A 17 9.01 -22.77 37.54
C SER A 17 7.71 -22.47 36.82
N PHE A 18 6.65 -23.23 37.15
CA PHE A 18 5.31 -23.04 36.59
C PHE A 18 4.81 -21.59 36.74
N TYR A 19 5.16 -20.93 37.87
CA TYR A 19 4.76 -19.57 38.15
C TYR A 19 5.47 -18.53 37.28
N GLU A 20 6.67 -18.84 36.80
CA GLU A 20 7.38 -17.97 35.88
C GLU A 20 6.70 -18.06 34.52
N LEU A 21 6.27 -19.29 34.14
CA LEU A 21 5.61 -19.55 32.85
C LEU A 21 4.21 -18.98 32.83
N LYS A 22 3.45 -19.10 33.93
CA LYS A 22 2.12 -18.48 34.08
C LYS A 22 2.22 -16.94 33.99
N ASN A 23 3.34 -16.38 34.45
CA ASN A 23 3.57 -14.94 34.42
C ASN A 23 3.96 -14.34 33.07
N VAL A 24 4.77 -15.07 32.30
CA VAL A 24 5.28 -14.56 31.04
C VAL A 24 4.28 -14.71 29.89
N THR A 25 3.24 -15.56 30.10
CA THR A 25 2.16 -15.86 29.17
C THR A 25 0.82 -15.15 29.55
N ASN A 26 0.88 -14.16 30.49
CA ASN A 26 -0.25 -13.37 31.02
C ASN A 26 -1.37 -14.30 31.54
N ASN A 27 -1.00 -15.22 32.45
CA ASN A 27 -1.83 -16.27 33.06
C ASN A 27 -2.44 -17.18 32.02
N PHE A 28 -1.59 -17.66 31.05
CA PHE A 28 -1.95 -18.52 29.92
C PHE A 28 -3.21 -17.97 29.19
N ASP A 29 -3.12 -16.69 28.79
CA ASP A 29 -4.13 -15.91 28.07
C ASP A 29 -4.51 -16.57 26.72
N GLU A 30 -5.73 -17.16 26.65
CA GLU A 30 -6.22 -17.91 25.50
C GLU A 30 -6.76 -17.05 24.34
N ARG A 31 -6.71 -15.71 24.48
CA ARG A 31 -7.09 -14.83 23.39
C ARG A 31 -5.96 -14.87 22.34
N PRO A 32 -6.26 -14.85 21.01
CA PRO A 32 -5.18 -14.88 20.02
C PRO A 32 -4.19 -13.78 20.23
N ILE A 33 -2.93 -14.05 19.88
CA ILE A 33 -1.84 -13.10 20.00
C ILE A 33 -2.11 -11.86 19.09
N SER A 34 -2.93 -12.04 18.03
CA SER A 34 -3.33 -10.97 17.10
C SER A 34 -4.33 -9.96 17.75
N VAL A 35 -4.99 -10.37 18.86
CA VAL A 35 -6.01 -9.61 19.62
C VAL A 35 -5.41 -8.93 20.89
N GLY A 36 -4.24 -9.38 21.33
CA GLY A 36 -3.55 -8.87 22.52
C GLY A 36 -3.29 -9.94 23.57
N GLY A 37 -3.79 -11.15 23.31
CA GLY A 37 -3.62 -12.32 24.15
C GLY A 37 -2.31 -13.05 23.89
N ASN A 38 -2.24 -14.35 24.24
CA ASN A 38 -0.98 -15.09 24.13
C ASN A 38 -1.07 -16.41 23.38
N LYS A 39 -2.27 -16.88 23.01
CA LYS A 39 -2.44 -18.12 22.25
C LYS A 39 -1.87 -17.94 20.84
N MET A 40 -0.91 -18.80 20.47
CA MET A 40 -0.26 -18.79 19.14
C MET A 40 -0.83 -19.87 18.21
N GLY A 41 -1.40 -20.89 18.83
CA GLY A 41 -2.02 -22.00 18.16
C GLY A 41 -2.08 -23.17 19.11
N GLU A 42 -2.46 -24.34 18.62
CA GLU A 42 -2.54 -25.50 19.48
C GLU A 42 -2.14 -26.78 18.78
N GLY A 43 -1.27 -27.54 19.45
CA GLY A 43 -0.84 -28.86 19.02
C GLY A 43 -1.89 -29.89 19.40
N GLY A 44 -1.53 -31.16 19.30
CA GLY A 44 -2.44 -32.25 19.61
C GLY A 44 -2.77 -32.39 21.09
N PHE A 45 -1.75 -32.19 21.95
CA PHE A 45 -1.91 -32.39 23.39
C PHE A 45 -1.67 -31.13 24.24
N GLY A 46 -1.80 -29.95 23.63
CA GLY A 46 -1.64 -28.68 24.33
C GLY A 46 -1.81 -27.43 23.51
N VAL A 47 -1.85 -26.29 24.19
CA VAL A 47 -1.95 -24.97 23.58
C VAL A 47 -0.55 -24.31 23.68
N VAL A 48 -0.10 -23.62 22.60
CA VAL A 48 1.19 -22.92 22.51
C VAL A 48 0.99 -21.45 22.76
N TYR A 49 1.65 -20.95 23.78
CA TYR A 49 1.56 -19.55 24.17
C TYR A 49 2.85 -18.80 23.90
N LYS A 50 2.74 -17.51 23.59
CA LYS A 50 3.91 -16.65 23.47
C LYS A 50 4.33 -16.26 24.90
N GLY A 51 5.63 -16.25 25.17
CA GLY A 51 6.20 -15.87 26.46
C GLY A 51 7.46 -15.05 26.29
N TYR A 52 7.92 -14.42 27.37
CA TYR A 52 9.14 -13.60 27.40
C TYR A 52 9.97 -13.97 28.63
N VAL A 53 11.05 -14.73 28.42
CA VAL A 53 11.98 -15.17 29.47
C VAL A 53 13.41 -14.80 29.04
N ASN A 54 14.20 -14.16 29.96
CA ASN A 54 15.59 -13.71 29.72
C ASN A 54 15.63 -12.65 28.59
N ASN A 55 14.56 -11.78 28.53
CA ASN A 55 14.30 -10.74 27.52
C ASN A 55 13.90 -11.33 26.14
N THR A 56 14.14 -12.66 25.98
CA THR A 56 13.89 -13.45 24.78
C THR A 56 12.44 -13.89 24.60
N THR A 57 11.92 -13.84 23.34
CA THR A 57 10.60 -14.37 23.06
C THR A 57 10.74 -15.88 22.97
N VAL A 58 9.85 -16.60 23.65
CA VAL A 58 9.79 -18.05 23.69
C VAL A 58 8.38 -18.55 23.34
N ALA A 59 8.25 -19.85 23.09
CA ALA A 59 6.98 -20.54 22.84
C ALA A 59 6.74 -21.52 24.02
N VAL A 60 5.58 -21.46 24.67
CA VAL A 60 5.31 -22.32 25.83
C VAL A 60 4.18 -23.27 25.52
N LYS A 61 4.47 -24.58 25.49
CA LYS A 61 3.43 -25.57 25.26
C LYS A 61 2.99 -26.17 26.58
N LYS A 62 1.80 -25.75 27.00
CA LYS A 62 1.13 -26.18 28.21
C LYS A 62 0.31 -27.43 27.87
N LEU A 63 0.75 -28.58 28.37
CA LEU A 63 0.05 -29.86 28.20
C LEU A 63 -0.96 -29.93 29.38
N ALA A 64 -2.15 -29.39 29.16
CA ALA A 64 -3.20 -29.31 30.19
C ALA A 64 -4.24 -30.45 30.10
N ALA A 65 -5.16 -30.51 31.10
CA ALA A 65 -6.25 -31.49 31.19
C ALA A 65 -7.46 -31.02 30.39
N LEU A 74 -0.45 -36.98 27.36
CA LEU A 74 0.05 -36.13 28.43
C LEU A 74 0.98 -36.96 29.30
N LYS A 75 2.04 -36.32 29.86
CA LYS A 75 3.14 -36.92 30.63
C LYS A 75 4.06 -37.73 29.69
N GLN A 76 3.46 -38.63 28.89
CA GLN A 76 4.11 -39.45 27.87
C GLN A 76 4.58 -38.55 26.73
N GLN A 77 3.81 -37.48 26.44
CA GLN A 77 4.16 -36.48 25.42
C GLN A 77 5.22 -35.50 25.97
N PHE A 78 5.29 -35.36 27.31
CA PHE A 78 6.25 -34.49 27.99
C PHE A 78 7.64 -35.16 27.96
N ASP A 79 7.74 -36.38 28.52
CA ASP A 79 8.99 -37.13 28.57
C ASP A 79 9.50 -37.59 27.19
N GLN A 80 8.60 -37.70 26.17
CA GLN A 80 8.97 -38.07 24.81
C GLN A 80 9.72 -36.91 24.18
N GLU A 81 9.07 -35.72 24.10
CA GLU A 81 9.64 -34.50 23.55
C GLU A 81 10.98 -34.13 24.17
N ILE A 82 11.14 -34.34 25.50
CA ILE A 82 12.41 -34.05 26.19
C ILE A 82 13.49 -35.02 25.73
N LYS A 83 13.14 -36.32 25.60
CA LYS A 83 14.02 -37.41 25.18
C LYS A 83 14.46 -37.26 23.72
N VAL A 84 13.49 -37.05 22.80
CA VAL A 84 13.71 -36.90 21.35
C VAL A 84 14.51 -35.62 21.02
N MET A 85 14.16 -34.49 21.67
CA MET A 85 14.78 -33.20 21.41
C MET A 85 16.12 -33.01 22.11
N ALA A 86 16.49 -33.90 23.06
CA ALA A 86 17.81 -33.88 23.69
C ALA A 86 18.80 -34.57 22.73
N LYS A 87 18.32 -35.59 21.99
CA LYS A 87 19.10 -36.33 21.00
C LYS A 87 19.21 -35.61 19.65
N CYS A 88 18.09 -35.05 19.15
CA CYS A 88 17.99 -34.42 17.83
C CYS A 88 18.11 -32.89 17.83
N GLN A 89 19.29 -32.39 17.46
CA GLN A 89 19.63 -30.97 17.36
C GLN A 89 20.21 -30.73 15.97
N HIS A 90 19.50 -29.92 15.17
CA HIS A 90 19.87 -29.62 13.80
C HIS A 90 19.25 -28.25 13.47
N GLU A 91 19.83 -27.50 12.50
CA GLU A 91 19.31 -26.19 12.10
C GLU A 91 17.93 -26.24 11.48
N ASN A 92 17.45 -27.42 11.04
CA ASN A 92 16.11 -27.56 10.47
C ASN A 92 15.16 -28.29 11.39
N LEU A 93 15.48 -28.31 12.69
CA LEU A 93 14.63 -28.86 13.75
C LEU A 93 14.40 -27.76 14.78
N VAL A 94 13.17 -27.68 15.31
CA VAL A 94 12.80 -26.71 16.35
C VAL A 94 13.58 -27.02 17.63
N GLU A 95 14.05 -25.99 18.32
CA GLU A 95 14.89 -26.14 19.49
C GLU A 95 14.11 -26.02 20.78
N LEU A 96 14.28 -26.97 21.67
CA LEU A 96 13.69 -26.98 22.99
C LEU A 96 14.65 -26.20 23.89
N LEU A 97 14.13 -25.32 24.74
CA LEU A 97 14.96 -24.58 25.68
C LEU A 97 14.86 -25.14 27.11
N GLY A 98 13.69 -25.62 27.48
CA GLY A 98 13.44 -26.06 28.83
C GLY A 98 12.07 -26.61 29.07
N PHE A 99 11.74 -26.78 30.35
CA PHE A 99 10.52 -27.47 30.76
C PHE A 99 10.09 -27.03 32.16
N SER A 100 8.88 -27.43 32.59
CA SER A 100 8.31 -27.17 33.90
C SER A 100 7.50 -28.37 34.33
N SER A 101 7.75 -28.83 35.57
CA SER A 101 7.11 -30.02 36.13
C SER A 101 6.54 -29.80 37.54
N ASP A 102 7.11 -28.84 38.30
CA ASP A 102 6.74 -28.52 39.70
C ASP A 102 5.23 -28.24 39.90
N GLY A 103 4.74 -27.06 39.48
CA GLY A 103 3.33 -26.69 39.60
C GLY A 103 2.37 -27.54 38.78
N ASP A 104 1.06 -27.35 38.98
CA ASP A 104 0.04 -28.14 38.26
C ASP A 104 -0.10 -27.68 36.82
N ASP A 105 0.18 -28.60 35.87
CA ASP A 105 0.23 -28.52 34.40
C ASP A 105 1.68 -28.59 33.90
N LEU A 106 1.96 -29.58 33.02
CA LEU A 106 3.29 -29.80 32.41
C LEU A 106 3.49 -28.81 31.27
N CYS A 107 4.68 -28.24 31.20
CA CYS A 107 5.02 -27.23 30.22
C CYS A 107 6.33 -27.47 29.51
N LEU A 108 6.36 -27.23 28.19
CA LEU A 108 7.54 -27.35 27.35
C LEU A 108 7.87 -26.00 26.69
N VAL A 109 9.09 -25.53 26.83
CA VAL A 109 9.52 -24.20 26.37
C VAL A 109 10.44 -24.34 25.18
N TYR A 110 10.17 -23.58 24.10
CA TYR A 110 10.90 -23.68 22.84
C TYR A 110 11.42 -22.35 22.38
N VAL A 111 12.34 -22.36 21.39
CA VAL A 111 12.79 -21.11 20.75
C VAL A 111 11.59 -20.68 19.91
N TYR A 112 11.17 -19.47 20.06
CA TYR A 112 10.07 -18.88 19.34
C TYR A 112 10.34 -18.79 17.82
N MET A 113 9.30 -19.10 17.00
CA MET A 113 9.40 -19.04 15.54
C MET A 113 8.65 -17.81 15.05
N PRO A 114 9.40 -16.71 14.75
CA PRO A 114 8.75 -15.44 14.37
C PRO A 114 7.77 -15.48 13.20
N ASN A 115 7.91 -16.44 12.28
CA ASN A 115 6.99 -16.52 11.16
C ASN A 115 5.99 -17.65 11.26
N GLY A 116 5.82 -18.20 12.45
CA GLY A 116 4.83 -19.25 12.71
C GLY A 116 4.97 -20.49 11.87
N SER A 117 3.85 -21.08 11.45
CA SER A 117 3.87 -22.33 10.70
C SER A 117 3.75 -22.12 9.21
N LEU A 118 4.20 -23.11 8.43
CA LEU A 118 4.08 -23.13 6.98
C LEU A 118 2.61 -23.08 6.61
N LEU A 119 1.75 -23.83 7.34
CA LEU A 119 0.29 -23.82 7.10
C LEU A 119 -0.27 -22.39 7.14
N ASP A 120 0.02 -21.65 8.22
CA ASP A 120 -0.43 -20.26 8.42
C ASP A 120 0.14 -19.30 7.38
N ARG A 121 1.38 -19.52 6.93
CA ARG A 121 1.99 -18.67 5.91
C ARG A 121 1.43 -18.96 4.55
N LEU A 122 1.07 -20.22 4.26
CA LEU A 122 0.46 -20.57 2.97
C LEU A 122 -0.97 -20.08 2.88
N SER A 123 -1.65 -19.92 4.01
CA SER A 123 -3.02 -19.40 4.05
C SER A 123 -3.10 -17.88 4.33
N CYS A 124 -1.93 -17.19 4.45
CA CYS A 124 -1.76 -15.75 4.71
C CYS A 124 -2.53 -15.29 5.93
N LEU A 125 -2.58 -16.14 6.94
CA LEU A 125 -3.30 -15.85 8.16
C LEU A 125 -2.75 -14.57 8.77
N ASP A 126 -3.65 -13.70 9.27
CA ASP A 126 -3.37 -12.48 10.01
C ASP A 126 -2.65 -11.42 9.19
N GLY A 127 -2.94 -11.41 7.89
CA GLY A 127 -2.50 -10.37 6.99
C GLY A 127 -1.10 -10.50 6.45
N THR A 128 -0.49 -11.67 6.57
CA THR A 128 0.89 -11.82 6.09
C THR A 128 0.91 -11.95 4.57
N PRO A 129 1.94 -11.44 3.88
CA PRO A 129 1.96 -11.58 2.41
C PRO A 129 2.17 -13.02 1.94
N PRO A 130 1.66 -13.37 0.74
CA PRO A 130 1.90 -14.72 0.20
C PRO A 130 3.38 -15.03 0.06
N LEU A 131 3.78 -16.30 0.26
CA LEU A 131 5.18 -16.70 0.12
C LEU A 131 5.50 -16.80 -1.36
N SER A 132 6.67 -16.28 -1.78
CA SER A 132 7.07 -16.35 -3.18
C SER A 132 7.46 -17.77 -3.51
N TRP A 133 7.60 -18.10 -4.81
CA TRP A 133 8.00 -19.43 -5.25
C TRP A 133 9.41 -19.73 -4.80
N HIS A 134 10.27 -18.73 -4.84
CA HIS A 134 11.66 -18.77 -4.40
C HIS A 134 11.74 -19.18 -2.91
N MET A 135 10.98 -18.52 -2.02
CA MET A 135 10.91 -18.82 -0.57
C MET A 135 10.36 -20.23 -0.39
N ARG A 136 9.33 -20.60 -1.15
CA ARG A 136 8.71 -21.95 -1.11
C ARG A 136 9.70 -23.08 -1.42
N CYS A 137 10.60 -22.87 -2.40
CA CYS A 137 11.66 -23.84 -2.77
C CYS A 137 12.69 -24.01 -1.65
N LYS A 138 13.07 -22.93 -1.00
CA LYS A 138 14.01 -22.94 0.12
C LYS A 138 13.42 -23.62 1.35
N ILE A 139 12.11 -23.47 1.56
CA ILE A 139 11.41 -24.10 2.69
C ILE A 139 11.33 -25.61 2.50
N ALA A 140 10.99 -26.06 1.26
CA ALA A 140 10.92 -27.47 0.90
C ALA A 140 12.27 -28.14 1.16
N GLN A 141 13.39 -27.48 0.75
CA GLN A 141 14.77 -27.95 0.92
C GLN A 141 15.13 -28.07 2.37
N GLY A 142 14.82 -27.03 3.15
CA GLY A 142 15.06 -27.02 4.57
C GLY A 142 14.31 -28.09 5.31
N ALA A 143 13.00 -28.25 5.02
CA ALA A 143 12.15 -29.28 5.63
C ALA A 143 12.70 -30.69 5.34
N ALA A 144 13.14 -30.96 4.08
CA ALA A 144 13.74 -32.23 3.68
C ALA A 144 15.08 -32.50 4.41
N ASN A 145 15.88 -31.47 4.65
CA ASN A 145 17.14 -31.58 5.41
C ASN A 145 16.88 -31.96 6.85
N GLY A 146 15.78 -31.46 7.42
CA GLY A 146 15.37 -31.77 8.79
C GLY A 146 14.90 -33.21 8.90
N ILE A 147 14.11 -33.67 7.92
CA ILE A 147 13.62 -35.06 7.85
C ILE A 147 14.82 -36.03 7.67
N ASN A 148 15.77 -35.66 6.78
CA ASN A 148 16.98 -36.44 6.57
C ASN A 148 17.74 -36.64 7.87
N PHE A 149 17.88 -35.57 8.69
CA PHE A 149 18.57 -35.67 9.97
C PHE A 149 17.88 -36.66 10.86
N LEU A 150 16.55 -36.60 10.95
CA LEU A 150 15.74 -37.48 11.79
C LEU A 150 15.91 -38.92 11.34
N HIS A 151 15.81 -39.19 10.03
CA HIS A 151 15.95 -40.54 9.46
C HIS A 151 17.38 -41.08 9.61
N GLU A 152 18.41 -40.22 9.45
CA GLU A 152 19.83 -40.58 9.63
C GLU A 152 20.09 -41.04 11.06
N ASN A 153 19.30 -40.50 12.00
CA ASN A 153 19.38 -40.77 13.42
C ASN A 153 18.31 -41.76 13.88
N HIS A 154 17.72 -42.49 12.91
CA HIS A 154 16.76 -43.56 13.09
C HIS A 154 15.49 -43.14 13.84
N HIS A 155 14.93 -42.00 13.43
CA HIS A 155 13.69 -41.48 13.99
C HIS A 155 12.66 -41.36 12.90
N ILE A 156 11.43 -41.72 13.24
CA ILE A 156 10.26 -41.62 12.37
C ILE A 156 9.40 -40.57 13.04
N HIS A 157 9.18 -39.44 12.35
CA HIS A 157 8.38 -38.34 12.90
C HIS A 157 6.90 -38.73 13.17
N ARG A 158 6.24 -39.37 12.20
CA ARG A 158 4.85 -39.88 12.23
C ARG A 158 3.75 -38.77 12.11
N ASP A 159 4.12 -37.48 12.06
CA ASP A 159 3.15 -36.39 11.91
C ASP A 159 3.73 -35.21 11.09
N ILE A 160 4.34 -35.53 9.96
CA ILE A 160 4.87 -34.56 9.02
C ILE A 160 3.66 -33.94 8.33
N LYS A 161 3.51 -32.63 8.48
CA LYS A 161 2.43 -31.80 7.95
C LYS A 161 2.86 -30.35 8.00
N SER A 162 2.21 -29.51 7.20
CA SER A 162 2.54 -28.08 7.09
C SER A 162 2.38 -27.29 8.42
N ALA A 163 1.49 -27.74 9.33
CA ALA A 163 1.33 -27.13 10.67
C ALA A 163 2.59 -27.43 11.53
N ASN A 164 3.30 -28.52 11.22
CA ASN A 164 4.47 -28.95 11.95
C ASN A 164 5.78 -28.52 11.31
N ILE A 165 5.72 -27.62 10.31
CA ILE A 165 6.91 -27.07 9.69
C ILE A 165 6.87 -25.59 10.06
N LEU A 166 7.80 -25.15 10.92
CA LEU A 166 7.83 -23.79 11.43
C LEU A 166 8.87 -22.94 10.76
N LEU A 167 8.66 -21.62 10.76
CA LEU A 167 9.48 -20.68 10.04
C LEU A 167 10.06 -19.62 10.93
N ASP A 168 11.39 -19.48 10.93
CA ASP A 168 12.07 -18.51 11.78
C ASP A 168 12.12 -17.15 11.12
N GLU A 169 12.90 -16.22 11.70
CA GLU A 169 13.08 -14.86 11.19
C GLU A 169 13.61 -14.80 9.73
N ALA A 170 14.34 -15.82 9.25
CA ALA A 170 14.84 -15.84 7.86
C ALA A 170 14.05 -16.80 6.96
N PHE A 171 12.91 -17.32 7.46
CA PHE A 171 12.01 -18.30 6.82
C PHE A 171 12.71 -19.67 6.64
N THR A 172 13.61 -20.01 7.56
CA THR A 172 14.28 -21.31 7.62
C THR A 172 13.23 -22.27 8.17
N ALA A 173 12.99 -23.37 7.46
CA ALA A 173 12.05 -24.41 7.83
C ALA A 173 12.59 -25.22 9.01
N LYS A 174 11.77 -25.45 10.03
CA LYS A 174 12.12 -26.22 11.23
C LYS A 174 11.01 -27.21 11.50
N ILE A 175 11.32 -28.51 11.43
CA ILE A 175 10.34 -29.55 11.75
C ILE A 175 10.07 -29.45 13.25
N SER A 176 8.79 -29.49 13.63
CA SER A 176 8.43 -29.43 15.04
C SER A 176 7.49 -30.56 15.39
N ASP A 177 7.09 -30.61 16.69
CA ASP A 177 6.16 -31.56 17.32
C ASP A 177 6.62 -33.00 17.17
N PHE A 178 7.54 -33.37 18.04
CA PHE A 178 8.12 -34.72 18.09
C PHE A 178 7.49 -35.56 19.22
N GLY A 179 6.23 -35.28 19.53
CA GLY A 179 5.47 -35.99 20.56
C GLY A 179 5.11 -37.42 20.16
N LEU A 180 4.87 -37.64 18.84
CA LEU A 180 4.51 -38.95 18.29
C LEU A 180 5.70 -39.68 17.68
N ALA A 181 6.91 -39.05 17.69
CA ALA A 181 8.13 -39.63 17.11
C ALA A 181 8.50 -41.00 17.66
N ARG A 182 9.05 -41.85 16.78
CA ARG A 182 9.47 -43.20 17.11
C ARG A 182 10.91 -43.47 16.72
N ALA A 183 11.61 -44.29 17.52
CA ALA A 183 12.98 -44.72 17.27
C ALA A 183 13.06 -45.97 16.38
N SER A 184 14.23 -46.65 16.45
CA SER A 184 14.67 -47.85 15.72
C SER A 184 16.07 -48.17 16.21
N GLU A 185 16.59 -49.36 15.87
CA GLU A 185 17.94 -49.79 16.24
C GLU A 185 18.87 -49.79 15.02
N THR A 190 8.18 -51.92 8.51
CA THR A 190 9.01 -52.95 9.14
C THR A 190 8.35 -53.45 10.47
N VAL A 191 7.84 -52.52 11.29
CA VAL A 191 7.18 -52.66 12.60
C VAL A 191 5.64 -52.43 12.45
N MET A 192 4.82 -52.94 13.38
CA MET A 192 3.37 -52.76 13.41
C MET A 192 2.93 -52.22 14.77
N ARG A 195 -1.87 -48.79 18.38
CA ARG A 195 -2.29 -47.39 18.57
C ARG A 195 -1.84 -46.55 17.36
N ILE A 196 -2.73 -46.39 16.38
CA ILE A 196 -2.46 -45.64 15.14
C ILE A 196 -2.58 -44.15 15.39
N VAL A 197 -1.48 -43.41 15.16
CA VAL A 197 -1.43 -41.95 15.32
C VAL A 197 -0.95 -41.25 14.02
N GLY A 198 -1.30 -39.97 13.87
CA GLY A 198 -0.99 -39.15 12.72
C GLY A 198 -2.17 -38.31 12.28
N THR A 199 -2.05 -37.62 11.12
CA THR A 199 -3.10 -36.79 10.53
C THR A 199 -3.53 -37.45 9.24
N THR A 200 -4.77 -37.95 9.22
CA THR A 200 -5.34 -38.77 8.14
C THR A 200 -5.09 -38.20 6.74
N ALA A 201 -5.26 -36.88 6.56
CA ALA A 201 -5.10 -36.19 5.28
C ALA A 201 -3.66 -36.28 4.72
N TYR A 202 -2.68 -36.60 5.59
CA TYR A 202 -1.25 -36.71 5.25
C TYR A 202 -0.71 -38.14 5.33
N MET A 203 -1.46 -39.08 5.94
CA MET A 203 -1.03 -40.45 6.20
C MET A 203 -0.94 -41.36 5.00
N ALA A 204 0.13 -42.18 4.94
CA ALA A 204 0.33 -43.18 3.88
C ALA A 204 -0.65 -44.34 4.06
N PRO A 205 -1.00 -45.10 2.99
CA PRO A 205 -1.93 -46.25 3.18
C PRO A 205 -1.51 -47.22 4.27
N GLU A 206 -0.21 -47.58 4.33
CA GLU A 206 0.31 -48.53 5.33
C GLU A 206 0.31 -47.98 6.76
N ALA A 207 0.47 -46.64 6.93
CA ALA A 207 0.47 -45.99 8.25
C ALA A 207 -0.92 -46.00 8.83
N LEU A 208 -1.95 -45.91 7.95
CA LEU A 208 -3.36 -45.97 8.33
C LEU A 208 -3.73 -47.40 8.77
N ARG A 209 -2.98 -48.41 8.29
CA ARG A 209 -3.14 -49.83 8.64
C ARG A 209 -2.39 -50.19 9.90
N GLY A 210 -1.46 -49.34 10.32
CA GLY A 210 -0.70 -49.53 11.55
C GLY A 210 0.77 -49.83 11.39
N GLU A 211 1.29 -49.82 10.16
CA GLU A 211 2.73 -50.02 9.94
C GLU A 211 3.52 -48.79 10.40
N ILE A 212 4.72 -49.00 10.94
CA ILE A 212 5.62 -47.92 11.38
C ILE A 212 6.90 -48.01 10.56
N THR A 213 7.11 -47.06 9.65
CA THR A 213 8.25 -47.01 8.73
C THR A 213 8.61 -45.56 8.35
N PRO A 214 9.90 -45.20 8.11
CA PRO A 214 10.22 -43.84 7.68
C PRO A 214 9.67 -43.53 6.29
N LYS A 215 9.26 -44.55 5.53
CA LYS A 215 8.68 -44.42 4.18
C LYS A 215 7.34 -43.70 4.22
N SER A 216 6.66 -43.76 5.39
CA SER A 216 5.40 -43.08 5.64
C SER A 216 5.62 -41.57 5.76
N ASP A 217 6.77 -41.13 6.37
CA ASP A 217 7.16 -39.72 6.51
C ASP A 217 7.38 -39.10 5.11
N ILE A 218 7.89 -39.90 4.15
CA ILE A 218 8.12 -39.50 2.75
C ILE A 218 6.79 -39.21 2.09
N TYR A 219 5.80 -40.10 2.30
CA TYR A 219 4.45 -39.93 1.73
C TYR A 219 3.86 -38.59 2.20
N SER A 220 3.85 -38.35 3.53
CA SER A 220 3.39 -37.14 4.19
C SER A 220 4.08 -35.91 3.66
N PHE A 221 5.43 -36.00 3.40
CA PHE A 221 6.19 -34.89 2.80
C PHE A 221 5.70 -34.55 1.40
N GLY A 222 5.24 -35.57 0.66
CA GLY A 222 4.67 -35.44 -0.67
C GLY A 222 3.41 -34.57 -0.65
N VAL A 223 2.57 -34.72 0.41
CA VAL A 223 1.35 -33.91 0.59
C VAL A 223 1.75 -32.47 0.87
N VAL A 224 2.77 -32.27 1.72
CA VAL A 224 3.33 -30.96 2.08
C VAL A 224 3.80 -30.25 0.80
N LEU A 225 4.51 -30.97 -0.09
CA LEU A 225 4.96 -30.41 -1.35
C LEU A 225 3.81 -29.96 -2.23
N LEU A 226 2.68 -30.68 -2.21
CA LEU A 226 1.48 -30.29 -2.94
C LEU A 226 0.86 -29.02 -2.34
N GLU A 227 0.89 -28.88 -1.02
CA GLU A 227 0.42 -27.68 -0.30
C GLU A 227 1.27 -26.48 -0.68
N ILE A 228 2.60 -26.66 -0.82
CA ILE A 228 3.53 -25.61 -1.22
C ILE A 228 3.24 -25.14 -2.66
N ILE A 229 2.99 -26.09 -3.59
CA ILE A 229 2.68 -25.76 -5.00
C ILE A 229 1.35 -25.00 -5.14
N THR A 230 0.31 -25.50 -4.50
CA THR A 230 -1.06 -25.06 -4.65
C THR A 230 -1.57 -24.04 -3.64
N GLY A 231 -1.02 -24.04 -2.43
CA GLY A 231 -1.48 -23.16 -1.37
C GLY A 231 -2.79 -23.60 -0.78
N LEU A 232 -3.23 -24.82 -1.17
CA LEU A 232 -4.49 -25.42 -0.73
C LEU A 232 -4.26 -26.28 0.49
N PRO A 233 -5.19 -26.30 1.47
CA PRO A 233 -5.01 -27.20 2.63
C PRO A 233 -5.18 -28.67 2.22
N ALA A 234 -4.52 -29.62 2.93
CA ALA A 234 -4.56 -31.07 2.69
C ALA A 234 -5.97 -31.65 2.60
N VAL A 235 -6.88 -31.10 3.42
CA VAL A 235 -8.30 -31.44 3.44
C VAL A 235 -9.15 -30.18 3.45
N ASP A 236 -10.21 -30.17 2.64
CA ASP A 236 -11.19 -29.09 2.60
C ASP A 236 -12.56 -29.70 2.31
N GLU A 237 -13.48 -29.66 3.29
CA GLU A 237 -14.85 -30.21 3.15
C GLU A 237 -15.61 -29.64 1.96
N HIS A 238 -15.43 -28.34 1.68
CA HIS A 238 -16.09 -27.67 0.56
C HIS A 238 -15.19 -27.71 -0.68
N ARG A 239 -14.55 -28.84 -0.98
CA ARG A 239 -13.71 -28.88 -2.17
C ARG A 239 -13.84 -30.20 -2.90
N GLU A 240 -13.65 -30.17 -4.22
CA GLU A 240 -13.62 -31.36 -5.04
C GLU A 240 -12.27 -31.39 -5.75
N PRO A 241 -11.34 -32.31 -5.33
CA PRO A 241 -11.50 -33.35 -4.30
C PRO A 241 -11.33 -32.80 -2.89
N GLN A 242 -11.97 -33.45 -1.90
CA GLN A 242 -11.88 -33.07 -0.49
C GLN A 242 -10.42 -33.19 0.00
N LEU A 243 -9.72 -34.27 -0.43
CA LEU A 243 -8.34 -34.55 -0.07
C LEU A 243 -7.40 -34.15 -1.18
N LEU A 244 -6.41 -33.30 -0.83
CA LEU A 244 -5.41 -32.77 -1.75
C LEU A 244 -4.60 -33.85 -2.46
N LEU A 245 -4.26 -34.97 -1.77
CA LEU A 245 -3.49 -36.05 -2.40
C LEU A 245 -4.21 -36.67 -3.62
N ASP A 246 -5.54 -36.50 -3.73
CA ASP A 246 -6.34 -36.98 -4.87
C ASP A 246 -6.11 -36.20 -6.18
N ILE A 247 -5.46 -35.01 -6.12
CA ILE A 247 -5.18 -34.22 -7.33
C ILE A 247 -4.11 -34.93 -8.20
N LYS A 248 -3.33 -35.84 -7.59
CA LYS A 248 -2.30 -36.64 -8.24
C LYS A 248 -2.96 -37.52 -9.31
N GLU A 249 -4.16 -38.09 -8.99
CA GLU A 249 -5.00 -38.94 -9.83
C GLU A 249 -5.58 -38.13 -10.99
N GLU A 250 -6.11 -36.90 -10.71
CA GLU A 250 -6.68 -36.01 -11.73
C GLU A 250 -5.64 -35.56 -12.75
N ILE A 251 -4.39 -35.39 -12.30
CA ILE A 251 -3.29 -35.00 -13.18
C ILE A 251 -2.82 -36.23 -14.00
N GLU A 252 -2.79 -37.43 -13.37
CA GLU A 252 -2.41 -38.67 -14.06
C GLU A 252 -3.43 -39.08 -15.13
N ASP A 253 -4.74 -38.87 -14.86
CA ASP A 253 -5.85 -39.18 -15.75
C ASP A 253 -6.17 -38.07 -16.79
N GLU A 254 -5.24 -37.07 -16.91
CA GLU A 254 -5.27 -35.92 -17.82
C GLU A 254 -6.56 -35.06 -17.74
N GLU A 255 -7.32 -35.15 -16.63
CA GLU A 255 -8.55 -34.35 -16.39
C GLU A 255 -8.14 -32.91 -16.07
N LYS A 256 -6.95 -32.76 -15.45
CA LYS A 256 -6.34 -31.49 -15.04
C LYS A 256 -4.82 -31.54 -15.18
N THR A 257 -4.21 -30.35 -15.17
CA THR A 257 -2.77 -30.14 -15.26
C THR A 257 -2.25 -29.58 -13.93
N ILE A 258 -0.92 -29.61 -13.71
CA ILE A 258 -0.31 -29.04 -12.50
C ILE A 258 -0.53 -27.50 -12.53
N GLU A 259 -0.44 -26.91 -13.74
CA GLU A 259 -0.63 -25.50 -14.05
C GLU A 259 -1.94 -24.96 -13.54
N ASP A 260 -3.00 -25.76 -13.60
CA ASP A 260 -4.33 -25.40 -13.11
C ASP A 260 -4.37 -25.30 -11.59
N TYR A 261 -3.43 -25.97 -10.92
CA TYR A 261 -3.38 -26.05 -9.47
C TYR A 261 -2.39 -25.10 -8.83
N ILE A 262 -1.39 -24.58 -9.59
CA ILE A 262 -0.38 -23.65 -9.08
C ILE A 262 -1.03 -22.49 -8.34
N ASP A 263 -0.57 -22.22 -7.11
CA ASP A 263 -1.06 -21.13 -6.27
C ASP A 263 -1.01 -19.83 -7.07
N LYS A 264 -2.16 -19.16 -7.17
CA LYS A 264 -2.34 -17.90 -7.88
C LYS A 264 -1.82 -16.69 -7.08
N LYS A 265 -1.50 -16.90 -5.81
CA LYS A 265 -0.96 -15.89 -4.91
C LYS A 265 0.56 -15.75 -5.04
N MET A 266 1.12 -16.15 -6.19
CA MET A 266 2.55 -16.05 -6.49
C MET A 266 2.66 -15.35 -7.83
N ASN A 267 3.75 -14.64 -8.08
CA ASN A 267 4.05 -13.98 -9.35
C ASN A 267 5.35 -14.48 -9.98
N ASP A 268 6.14 -15.31 -9.26
CA ASP A 268 7.47 -15.75 -9.69
C ASP A 268 7.60 -17.24 -9.99
N ALA A 269 6.50 -17.97 -10.08
CA ALA A 269 6.56 -19.41 -10.36
C ALA A 269 6.82 -19.64 -11.85
N ASP A 270 7.71 -20.58 -12.15
CA ASP A 270 7.97 -20.95 -13.53
C ASP A 270 7.62 -22.40 -13.64
N SER A 271 7.02 -22.77 -14.77
CA SER A 271 6.55 -24.12 -15.07
C SER A 271 7.55 -25.23 -14.82
N THR A 272 8.81 -25.05 -15.24
CA THR A 272 9.87 -26.05 -15.13
C THR A 272 10.16 -26.45 -13.69
N SER A 273 10.39 -25.46 -12.79
CA SER A 273 10.68 -25.75 -11.38
C SER A 273 9.44 -26.24 -10.64
N VAL A 274 8.24 -25.78 -11.04
CA VAL A 274 6.99 -26.24 -10.42
C VAL A 274 6.78 -27.74 -10.79
N GLU A 275 7.00 -28.09 -12.07
CA GLU A 275 6.87 -29.47 -12.57
C GLU A 275 7.90 -30.38 -11.92
N ALA A 276 9.13 -29.86 -11.65
CA ALA A 276 10.20 -30.60 -10.97
C ALA A 276 9.82 -30.84 -9.50
N MET A 277 9.12 -29.90 -8.83
CA MET A 277 8.70 -30.14 -7.44
C MET A 277 7.53 -31.09 -7.47
N TYR A 278 6.65 -30.97 -8.49
CA TYR A 278 5.49 -31.85 -8.60
C TYR A 278 5.92 -33.30 -8.81
N SER A 279 6.96 -33.52 -9.64
CA SER A 279 7.52 -34.85 -9.93
C SER A 279 8.01 -35.49 -8.63
N VAL A 280 8.73 -34.73 -7.77
CA VAL A 280 9.20 -35.18 -6.44
C VAL A 280 8.00 -35.55 -5.59
N ALA A 281 6.96 -34.68 -5.55
CA ALA A 281 5.72 -34.91 -4.78
C ALA A 281 5.00 -36.17 -5.26
N SER A 282 4.94 -36.38 -6.60
CA SER A 282 4.31 -37.52 -7.24
C SER A 282 5.02 -38.81 -6.83
N GLN A 283 6.37 -38.82 -6.86
CA GLN A 283 7.20 -39.95 -6.45
C GLN A 283 6.99 -40.28 -4.96
N CYS A 284 6.94 -39.25 -4.10
CA CYS A 284 6.70 -39.41 -2.65
C CYS A 284 5.36 -40.01 -2.37
N LEU A 285 4.35 -39.70 -3.20
CA LEU A 285 2.97 -40.13 -3.02
C LEU A 285 2.63 -41.51 -3.64
N HIS A 286 3.65 -42.28 -4.04
CA HIS A 286 3.45 -43.64 -4.55
C HIS A 286 2.74 -44.48 -3.48
N GLU A 287 1.69 -45.21 -3.89
CA GLU A 287 0.90 -46.04 -2.96
C GLU A 287 1.72 -47.21 -2.38
N LYS A 288 2.72 -47.71 -3.15
CA LYS A 288 3.63 -48.78 -2.76
C LYS A 288 4.84 -48.15 -2.06
N LYS A 289 4.96 -48.34 -0.75
CA LYS A 289 6.04 -47.79 0.08
C LYS A 289 7.46 -48.01 -0.44
N ASN A 290 7.73 -49.16 -1.07
CA ASN A 290 9.08 -49.46 -1.55
C ASN A 290 9.41 -48.75 -2.86
N LYS A 291 8.39 -48.24 -3.57
CA LYS A 291 8.59 -47.51 -4.83
C LYS A 291 8.85 -46.01 -4.59
N ARG A 292 8.61 -45.53 -3.35
CA ARG A 292 8.86 -44.14 -2.92
C ARG A 292 10.37 -43.88 -2.80
N PRO A 293 10.86 -42.66 -3.11
CA PRO A 293 12.29 -42.37 -2.92
C PRO A 293 12.61 -42.22 -1.43
N ASP A 294 13.85 -42.44 -1.03
CA ASP A 294 14.23 -42.24 0.36
C ASP A 294 14.51 -40.74 0.54
N ILE A 295 14.63 -40.25 1.78
CA ILE A 295 14.81 -38.83 2.04
C ILE A 295 16.05 -38.25 1.34
N LYS A 296 17.15 -39.01 1.23
CA LYS A 296 18.39 -38.58 0.56
C LYS A 296 18.15 -38.30 -0.93
N LYS A 297 17.29 -39.10 -1.58
CA LYS A 297 16.92 -38.91 -2.98
C LYS A 297 15.99 -37.67 -3.10
N VAL A 298 15.09 -37.48 -2.11
CA VAL A 298 14.19 -36.31 -2.08
C VAL A 298 15.03 -35.01 -2.03
N GLN A 299 16.05 -34.98 -1.14
CA GLN A 299 16.99 -33.87 -0.99
C GLN A 299 17.72 -33.55 -2.27
N GLN A 300 18.19 -34.58 -2.96
CA GLN A 300 18.92 -34.57 -4.23
C GLN A 300 18.06 -33.96 -5.33
N LEU A 301 16.82 -34.46 -5.46
CA LEU A 301 15.87 -34.00 -6.45
C LEU A 301 15.45 -32.54 -6.21
N LEU A 302 15.27 -32.12 -4.93
CA LEU A 302 14.90 -30.73 -4.57
C LEU A 302 16.07 -29.79 -4.82
N GLN A 303 17.32 -30.29 -4.71
CA GLN A 303 18.53 -29.51 -5.00
C GLN A 303 18.69 -29.28 -6.51
N GLU A 304 18.42 -30.31 -7.34
CA GLU A 304 18.51 -30.26 -8.81
C GLU A 304 17.46 -29.30 -9.40
N MET A 305 16.33 -29.15 -8.71
CA MET A 305 15.21 -28.27 -9.06
C MET A 305 15.63 -26.77 -9.12
N THR A 306 16.64 -26.36 -8.31
CA THR A 306 17.14 -24.97 -8.24
C THR A 306 18.60 -24.83 -8.67
N SER B 9 -26.16 36.37 -13.81
CA SER B 9 -27.18 36.01 -12.82
C SER B 9 -27.72 37.20 -11.99
N ASP B 10 -28.93 37.05 -11.41
CA ASP B 10 -29.65 38.01 -10.57
C ASP B 10 -30.38 37.21 -9.46
N THR B 11 -29.61 36.53 -8.60
CA THR B 11 -30.06 35.60 -7.56
C THR B 11 -30.48 36.24 -6.22
N ARG B 12 -31.51 35.63 -5.63
CA ARG B 12 -32.15 35.90 -4.34
C ARG B 12 -31.89 34.61 -3.54
N PHE B 13 -31.05 34.69 -2.49
CA PHE B 13 -30.62 33.50 -1.70
C PHE B 13 -31.58 33.05 -0.59
N HIS B 14 -31.27 31.86 -0.03
CA HIS B 14 -31.97 31.21 1.07
C HIS B 14 -31.47 31.85 2.36
N SER B 15 -32.40 32.13 3.29
CA SER B 15 -32.07 32.67 4.59
C SER B 15 -32.21 31.54 5.61
N PHE B 16 -31.14 31.24 6.34
CA PHE B 16 -31.11 30.20 7.36
C PHE B 16 -31.07 30.82 8.74
N SER B 17 -31.55 30.08 9.75
CA SER B 17 -31.43 30.52 11.13
C SER B 17 -30.08 30.05 11.63
N PHE B 18 -29.40 30.94 12.38
CA PHE B 18 -28.11 30.72 13.01
C PHE B 18 -28.16 29.51 13.94
N TYR B 19 -29.32 29.22 14.52
CA TYR B 19 -29.48 28.10 15.43
C TYR B 19 -29.61 26.74 14.68
N GLU B 20 -30.05 26.76 13.40
CA GLU B 20 -30.07 25.53 12.59
C GLU B 20 -28.61 25.21 12.21
N LEU B 21 -27.81 26.26 11.89
CA LEU B 21 -26.40 26.16 11.53
C LEU B 21 -25.55 25.78 12.72
N LYS B 22 -25.90 26.27 13.92
CA LYS B 22 -25.23 25.88 15.17
C LYS B 22 -25.44 24.36 15.43
N ASN B 23 -26.65 23.82 15.19
CA ASN B 23 -26.96 22.41 15.38
C ASN B 23 -26.28 21.46 14.42
N VAL B 24 -26.21 21.83 13.11
CA VAL B 24 -25.68 20.98 12.02
C VAL B 24 -24.15 20.92 12.00
N THR B 25 -23.50 21.86 12.69
CA THR B 25 -22.06 21.98 12.77
C THR B 25 -21.59 21.60 14.19
N ASN B 26 -22.48 20.84 14.92
CA ASN B 26 -22.28 20.33 16.29
C ASN B 26 -21.76 21.47 17.21
N ASN B 27 -22.53 22.57 17.28
CA ASN B 27 -22.27 23.81 18.04
C ASN B 27 -20.97 24.45 17.63
N PHE B 28 -20.78 24.62 16.30
CA PHE B 28 -19.58 25.18 15.67
C PHE B 28 -18.31 24.55 16.31
N ASP B 29 -18.24 23.21 16.26
CA ASP B 29 -17.14 22.41 16.80
C ASP B 29 -15.83 22.75 16.10
N GLU B 30 -14.93 23.44 16.84
CA GLU B 30 -13.65 23.93 16.33
C GLU B 30 -12.54 22.87 16.27
N ARG B 31 -12.84 21.61 16.66
CA ARG B 31 -11.87 20.50 16.57
C ARG B 31 -11.77 20.11 15.10
N PRO B 32 -10.56 19.79 14.55
CA PRO B 32 -10.48 19.47 13.11
C PRO B 32 -11.30 18.26 12.74
N ILE B 33 -11.82 18.23 11.49
CA ILE B 33 -12.66 17.14 10.98
C ILE B 33 -11.91 15.78 11.04
N SER B 34 -10.55 15.78 10.78
CA SER B 34 -9.65 14.60 10.80
C SER B 34 -9.58 13.89 12.17
N VAL B 35 -10.03 14.60 13.24
CA VAL B 35 -10.12 14.13 14.62
C VAL B 35 -11.52 13.49 14.76
N GLY B 36 -12.56 14.33 14.65
CA GLY B 36 -13.96 13.95 14.73
C GLY B 36 -14.88 15.16 14.80
N GLY B 37 -14.29 16.36 14.73
CA GLY B 37 -14.98 17.64 14.81
C GLY B 37 -15.65 18.11 13.53
N ASN B 38 -15.77 19.44 13.40
CA ASN B 38 -16.42 20.12 12.27
C ASN B 38 -15.58 21.20 11.57
N LYS B 39 -14.45 21.62 12.14
CA LYS B 39 -13.60 22.65 11.52
C LYS B 39 -12.87 22.12 10.28
N MET B 40 -13.05 22.82 9.13
CA MET B 40 -12.44 22.42 7.86
C MET B 40 -11.27 23.35 7.49
N GLY B 41 -11.34 24.57 7.97
CA GLY B 41 -10.31 25.57 7.76
C GLY B 41 -10.71 26.92 8.30
N GLU B 42 -9.78 27.85 8.30
CA GLU B 42 -9.96 29.24 8.70
C GLU B 42 -9.62 30.07 7.46
N GLY B 43 -10.62 30.73 6.92
CA GLY B 43 -10.49 31.52 5.71
C GLY B 43 -10.60 33.00 5.91
N GLY B 44 -11.35 33.62 5.00
CA GLY B 44 -11.58 35.06 4.93
C GLY B 44 -12.52 35.61 5.99
N PHE B 45 -11.91 36.07 7.12
CA PHE B 45 -12.55 36.71 8.27
C PHE B 45 -13.44 35.76 9.09
N GLY B 46 -13.30 34.47 8.81
CA GLY B 46 -14.07 33.43 9.51
C GLY B 46 -13.44 32.06 9.50
N VAL B 47 -14.17 31.11 10.08
CA VAL B 47 -13.82 29.72 10.17
C VAL B 47 -14.88 28.97 9.39
N VAL B 48 -14.45 28.02 8.56
CA VAL B 48 -15.34 27.18 7.77
C VAL B 48 -15.56 25.87 8.51
N TYR B 49 -16.83 25.51 8.69
CA TYR B 49 -17.27 24.31 9.37
C TYR B 49 -18.01 23.39 8.44
N LYS B 50 -17.95 22.10 8.71
CA LYS B 50 -18.74 21.13 7.96
C LYS B 50 -20.12 21.14 8.63
N GLY B 51 -21.16 21.15 7.83
CA GLY B 51 -22.52 21.11 8.33
C GLY B 51 -23.36 20.18 7.51
N TYR B 52 -24.62 20.08 7.88
CA TYR B 52 -25.57 19.24 7.17
C TYR B 52 -26.94 19.90 7.10
N VAL B 53 -27.27 20.58 5.99
CA VAL B 53 -28.56 21.27 5.85
C VAL B 53 -29.33 20.77 4.63
N ASN B 54 -30.69 20.80 4.71
CA ASN B 54 -31.62 20.41 3.64
C ASN B 54 -31.32 19.06 2.98
N ASN B 55 -30.81 18.09 3.78
CA ASN B 55 -30.41 16.73 3.41
C ASN B 55 -29.07 16.68 2.63
N THR B 56 -28.28 17.77 2.68
CA THR B 56 -26.97 17.88 2.00
C THR B 56 -25.84 18.32 2.94
N THR B 57 -24.61 17.83 2.68
CA THR B 57 -23.39 18.25 3.39
C THR B 57 -23.07 19.65 2.86
N VAL B 58 -22.78 20.60 3.76
CA VAL B 58 -22.52 22.00 3.41
C VAL B 58 -21.27 22.52 4.08
N ALA B 59 -20.71 23.60 3.52
CA ALA B 59 -19.61 24.32 4.12
C ALA B 59 -20.27 25.56 4.76
N VAL B 60 -19.98 25.83 6.04
CA VAL B 60 -20.59 26.95 6.77
C VAL B 60 -19.50 27.88 7.28
N LYS B 61 -19.46 29.13 6.80
CA LYS B 61 -18.48 30.08 7.27
C LYS B 61 -19.10 31.01 8.29
N LYS B 62 -18.60 30.96 9.52
CA LYS B 62 -19.07 31.84 10.59
C LYS B 62 -18.12 33.01 10.72
N LEU B 63 -18.66 34.21 10.47
CA LEU B 63 -17.92 35.46 10.60
C LEU B 63 -18.15 35.94 12.04
N ALA B 64 -17.24 35.55 12.96
CA ALA B 64 -17.34 35.81 14.40
C ALA B 64 -16.27 36.75 14.99
N ALA B 65 -16.64 37.43 16.13
CA ALA B 65 -15.86 38.37 16.96
C ALA B 65 -15.40 39.63 16.20
N THR B 70 -13.36 44.34 13.85
CA THR B 70 -14.38 45.36 13.56
C THR B 70 -15.74 44.72 13.21
N THR B 71 -16.82 45.22 13.83
CA THR B 71 -18.20 44.78 13.57
C THR B 71 -18.72 45.37 12.25
N GLU B 72 -17.81 45.97 11.44
CA GLU B 72 -18.11 46.55 10.14
C GLU B 72 -17.23 45.92 9.03
N GLU B 73 -16.01 45.48 9.39
CA GLU B 73 -15.09 44.79 8.49
C GLU B 73 -15.64 43.38 8.23
N LEU B 74 -16.26 42.78 9.26
CA LEU B 74 -16.92 41.48 9.23
C LEU B 74 -18.21 41.61 8.41
N LYS B 75 -18.94 42.74 8.55
CA LYS B 75 -20.19 43.02 7.84
C LYS B 75 -19.96 43.28 6.34
N GLN B 76 -18.91 44.07 6.01
CA GLN B 76 -18.56 44.37 4.63
C GLN B 76 -18.10 43.11 3.87
N GLN B 77 -17.49 42.14 4.59
CA GLN B 77 -17.06 40.84 4.04
C GLN B 77 -18.28 39.98 3.69
N PHE B 78 -19.25 39.94 4.61
CA PHE B 78 -20.54 39.26 4.48
C PHE B 78 -21.35 39.79 3.26
N ASP B 79 -21.52 41.13 3.19
CA ASP B 79 -22.27 41.80 2.13
C ASP B 79 -21.60 41.75 0.75
N GLN B 80 -20.24 41.80 0.67
CA GLN B 80 -19.55 41.75 -0.60
C GLN B 80 -19.69 40.34 -1.21
N GLU B 81 -19.49 39.30 -0.40
CA GLU B 81 -19.62 37.91 -0.81
C GLU B 81 -20.98 37.68 -1.46
N ILE B 82 -22.08 38.07 -0.76
CA ILE B 82 -23.45 37.93 -1.26
C ILE B 82 -23.63 38.68 -2.58
N LYS B 83 -23.16 39.94 -2.65
CA LYS B 83 -23.28 40.78 -3.85
C LYS B 83 -22.63 40.18 -5.08
N VAL B 84 -21.35 39.77 -4.96
CA VAL B 84 -20.57 39.15 -6.05
C VAL B 84 -21.16 37.79 -6.43
N MET B 85 -21.54 37.00 -5.42
CA MET B 85 -22.06 35.65 -5.64
C MET B 85 -23.50 35.61 -6.21
N ALA B 86 -24.27 36.68 -6.03
CA ALA B 86 -25.61 36.76 -6.61
C ALA B 86 -25.48 36.99 -8.13
N LYS B 87 -24.48 37.80 -8.52
CA LYS B 87 -24.18 38.11 -9.93
C LYS B 87 -23.38 37.02 -10.66
N CYS B 88 -22.35 36.45 -10.01
CA CYS B 88 -21.42 35.50 -10.61
C CYS B 88 -21.67 34.03 -10.27
N GLN B 89 -22.22 33.28 -11.24
CA GLN B 89 -22.53 31.85 -11.15
C GLN B 89 -21.89 31.15 -12.37
N HIS B 90 -20.93 30.27 -12.12
CA HIS B 90 -20.19 29.57 -13.18
C HIS B 90 -19.78 28.21 -12.64
N GLU B 91 -19.57 27.18 -13.48
CA GLU B 91 -19.16 25.86 -12.99
C GLU B 91 -17.76 25.86 -12.32
N ASN B 92 -16.96 26.92 -12.53
CA ASN B 92 -15.64 27.06 -11.93
C ASN B 92 -15.60 28.10 -10.82
N LEU B 93 -16.77 28.40 -10.21
CA LEU B 93 -16.82 29.31 -9.05
C LEU B 93 -17.64 28.65 -7.99
N VAL B 94 -17.26 28.81 -6.72
CA VAL B 94 -18.04 28.24 -5.63
C VAL B 94 -19.44 28.81 -5.61
N GLU B 95 -20.41 27.98 -5.27
CA GLU B 95 -21.81 28.33 -5.19
C GLU B 95 -22.23 28.60 -3.72
N LEU B 96 -22.86 29.74 -3.51
CA LEU B 96 -23.42 30.11 -2.22
C LEU B 96 -24.85 29.58 -2.18
N LEU B 97 -25.20 28.87 -1.10
CA LEU B 97 -26.54 28.31 -0.96
C LEU B 97 -27.47 29.29 -0.26
N GLY B 98 -26.93 29.90 0.79
CA GLY B 98 -27.64 30.86 1.60
C GLY B 98 -26.78 31.54 2.63
N PHE B 99 -27.42 32.19 3.60
CA PHE B 99 -26.74 32.93 4.66
C PHE B 99 -27.60 32.98 5.91
N SER B 100 -27.02 33.53 7.00
CA SER B 100 -27.66 33.77 8.29
C SER B 100 -27.15 35.07 8.86
N SER B 101 -28.09 35.94 9.30
CA SER B 101 -27.83 37.25 9.94
C SER B 101 -28.53 37.43 11.32
N ASP B 102 -29.03 36.30 11.92
CA ASP B 102 -29.66 36.20 13.25
C ASP B 102 -28.74 35.44 14.23
N ASP B 105 -24.29 35.28 15.23
CA ASP B 105 -23.29 35.82 14.31
C ASP B 105 -23.63 35.60 12.82
N LEU B 106 -22.91 36.34 11.95
CA LEU B 106 -23.10 36.29 10.51
C LEU B 106 -22.54 34.98 9.94
N CYS B 107 -23.32 34.31 9.08
CA CYS B 107 -22.95 33.02 8.47
C CYS B 107 -23.24 32.99 6.99
N LEU B 108 -22.35 32.33 6.25
CA LEU B 108 -22.47 32.07 4.82
C LEU B 108 -22.39 30.57 4.59
N VAL B 109 -23.37 30.03 3.90
CA VAL B 109 -23.49 28.60 3.63
C VAL B 109 -23.18 28.36 2.15
N TYR B 110 -22.19 27.49 1.86
CA TYR B 110 -21.78 27.17 0.50
C TYR B 110 -21.93 25.71 0.19
N VAL B 111 -21.88 25.38 -1.13
CA VAL B 111 -21.83 24.01 -1.57
C VAL B 111 -20.47 23.47 -1.04
N TYR B 112 -20.49 22.34 -0.36
CA TYR B 112 -19.32 21.68 0.21
C TYR B 112 -18.37 21.19 -0.90
N MET B 113 -17.05 21.33 -0.69
CA MET B 113 -16.03 20.90 -1.64
C MET B 113 -15.34 19.65 -1.08
N PRO B 114 -15.73 18.45 -1.55
CA PRO B 114 -15.19 17.21 -0.98
C PRO B 114 -13.66 17.05 -0.97
N ASN B 115 -12.96 17.72 -1.91
CA ASN B 115 -11.50 17.59 -1.93
C ASN B 115 -10.76 18.80 -1.41
N GLY B 116 -11.46 19.67 -0.69
CA GLY B 116 -10.86 20.83 -0.06
C GLY B 116 -10.21 21.81 -1.00
N SER B 117 -9.06 22.36 -0.58
CA SER B 117 -8.37 23.35 -1.39
C SER B 117 -7.22 22.77 -2.19
N LEU B 118 -6.84 23.47 -3.27
CA LEU B 118 -5.69 23.11 -4.09
C LEU B 118 -4.45 23.15 -3.25
N LEU B 119 -4.29 24.15 -2.34
CA LEU B 119 -3.15 24.24 -1.41
C LEU B 119 -2.97 22.95 -0.62
N ASP B 120 -4.05 22.47 0.03
CA ASP B 120 -4.04 21.25 0.84
C ASP B 120 -3.77 20.00 0.02
N ARG B 121 -4.27 19.93 -1.22
CA ARG B 121 -4.04 18.79 -2.10
C ARG B 121 -2.63 18.78 -2.66
N LEU B 122 -2.04 19.97 -2.89
CA LEU B 122 -0.65 20.04 -3.37
C LEU B 122 0.33 19.69 -2.27
N SER B 123 -0.03 19.95 -1.02
CA SER B 123 0.83 19.62 0.12
C SER B 123 0.54 18.23 0.72
N CYS B 124 -0.46 17.48 0.15
CA CYS B 124 -0.90 16.16 0.56
C CYS B 124 -1.26 16.12 2.03
N LEU B 125 -1.95 17.17 2.48
CA LEU B 125 -2.40 17.35 3.85
C LEU B 125 -3.33 16.21 4.21
N ASP B 126 -3.10 15.61 5.39
CA ASP B 126 -3.85 14.51 6.01
C ASP B 126 -3.70 13.17 5.27
N GLY B 127 -2.59 12.98 4.59
CA GLY B 127 -2.29 11.74 3.88
C GLY B 127 -3.00 11.52 2.56
N THR B 128 -3.46 12.60 1.93
CA THR B 128 -4.14 12.45 0.64
C THR B 128 -3.12 12.20 -0.47
N PRO B 129 -3.46 11.45 -1.52
CA PRO B 129 -2.46 11.17 -2.56
C PRO B 129 -2.09 12.36 -3.41
N PRO B 130 -0.84 12.40 -3.91
CA PRO B 130 -0.45 13.52 -4.79
C PRO B 130 -1.32 13.62 -6.04
N LEU B 131 -1.53 14.85 -6.54
CA LEU B 131 -2.31 15.07 -7.76
C LEU B 131 -1.44 14.72 -8.96
N SER B 132 -1.98 13.99 -9.93
CA SER B 132 -1.25 13.63 -11.15
C SER B 132 -1.08 14.86 -12.01
N TRP B 133 -0.20 14.81 -13.03
CA TRP B 133 0.02 15.94 -13.94
C TRP B 133 -1.25 16.22 -14.75
N HIS B 134 -1.96 15.18 -15.15
CA HIS B 134 -3.23 15.19 -15.86
C HIS B 134 -4.27 15.98 -15.05
N MET B 135 -4.47 15.65 -13.75
CA MET B 135 -5.39 16.36 -12.83
C MET B 135 -4.95 17.81 -12.69
N ARG B 136 -3.64 18.06 -12.54
CA ARG B 136 -3.08 19.41 -12.40
C ARG B 136 -3.36 20.33 -13.60
N CYS B 137 -3.29 19.77 -14.81
CA CYS B 137 -3.61 20.50 -16.06
C CYS B 137 -5.08 20.87 -16.14
N LYS B 138 -5.97 19.96 -15.72
CA LYS B 138 -7.41 20.21 -15.70
C LYS B 138 -7.78 21.25 -14.67
N ILE B 139 -7.10 21.27 -13.53
CA ILE B 139 -7.33 22.24 -12.46
C ILE B 139 -6.91 23.65 -12.90
N ALA B 140 -5.74 23.76 -13.56
CA ALA B 140 -5.23 25.03 -14.11
C ALA B 140 -6.23 25.61 -15.10
N GLN B 141 -6.75 24.77 -16.02
CA GLN B 141 -7.75 25.12 -17.05
C GLN B 141 -9.05 25.57 -16.43
N GLY B 142 -9.53 24.81 -15.47
CA GLY B 142 -10.73 25.15 -14.72
C GLY B 142 -10.61 26.44 -13.95
N ALA B 143 -9.50 26.66 -13.25
CA ALA B 143 -9.26 27.89 -12.48
C ALA B 143 -9.22 29.11 -13.42
N ALA B 144 -8.57 28.97 -14.59
CA ALA B 144 -8.49 30.02 -15.62
C ALA B 144 -9.89 30.34 -16.22
N ASN B 145 -10.73 29.33 -16.39
CA ASN B 145 -12.12 29.51 -16.88
C ASN B 145 -12.94 30.28 -15.86
N GLY B 146 -12.71 30.06 -14.56
CA GLY B 146 -13.39 30.76 -13.49
C GLY B 146 -12.98 32.21 -13.44
N ILE B 147 -11.66 32.48 -13.59
CA ILE B 147 -11.13 33.85 -13.63
C ILE B 147 -11.65 34.57 -14.89
N ASN B 148 -11.64 33.91 -16.04
CA ASN B 148 -12.18 34.47 -17.28
C ASN B 148 -13.64 34.92 -17.09
N PHE B 149 -14.47 34.10 -16.40
CA PHE B 149 -15.85 34.45 -16.13
C PHE B 149 -15.93 35.73 -15.32
N LEU B 150 -15.11 35.84 -14.26
CA LEU B 150 -15.10 36.98 -13.37
C LEU B 150 -14.69 38.23 -14.13
N HIS B 151 -13.63 38.14 -14.96
CA HIS B 151 -13.12 39.27 -15.75
C HIS B 151 -14.10 39.68 -16.84
N GLU B 152 -14.77 38.71 -17.50
CA GLU B 152 -15.77 38.95 -18.54
C GLU B 152 -16.95 39.76 -17.95
N ASN B 153 -17.20 39.57 -16.64
CA ASN B 153 -18.27 40.20 -15.88
C ASN B 153 -17.78 41.37 -15.07
N HIS B 154 -16.58 41.88 -15.41
CA HIS B 154 -15.92 43.06 -14.85
C HIS B 154 -15.71 42.98 -13.33
N HIS B 155 -15.20 41.83 -12.88
CA HIS B 155 -14.87 41.63 -11.49
C HIS B 155 -13.39 41.31 -11.37
N ILE B 156 -12.78 41.83 -10.31
CA ILE B 156 -11.39 41.61 -9.97
C ILE B 156 -11.50 40.86 -8.65
N HIS B 157 -10.96 39.63 -8.61
CA HIS B 157 -10.95 38.81 -7.40
C HIS B 157 -10.14 39.41 -6.24
N ARG B 158 -8.85 39.78 -6.48
CA ARG B 158 -7.89 40.41 -5.51
C ARG B 158 -7.27 39.45 -4.47
N ASP B 159 -7.61 38.17 -4.53
CA ASP B 159 -7.03 37.20 -3.62
C ASP B 159 -6.97 35.81 -4.25
N ILE B 160 -6.51 35.75 -5.51
CA ILE B 160 -6.28 34.51 -6.23
C ILE B 160 -5.05 33.88 -5.61
N LYS B 161 -5.26 32.66 -5.06
CA LYS B 161 -4.22 31.86 -4.40
C LYS B 161 -4.71 30.44 -4.33
N SER B 162 -3.80 29.50 -4.16
CA SER B 162 -4.13 28.06 -4.12
C SER B 162 -5.08 27.68 -2.97
N ALA B 163 -5.12 28.45 -1.85
CA ALA B 163 -6.07 28.23 -0.74
C ALA B 163 -7.48 28.59 -1.20
N ASN B 164 -7.58 29.53 -2.18
CA ASN B 164 -8.88 29.98 -2.73
C ASN B 164 -9.30 29.27 -4.04
N ILE B 165 -8.66 28.15 -4.34
CA ILE B 165 -9.05 27.33 -5.48
C ILE B 165 -9.48 26.02 -4.85
N LEU B 166 -10.79 25.73 -4.87
CA LEU B 166 -11.33 24.54 -4.23
C LEU B 166 -11.63 23.45 -5.22
N LEU B 167 -11.66 22.21 -4.71
CA LEU B 167 -11.82 21.03 -5.54
C LEU B 167 -13.01 20.19 -5.13
N ASP B 168 -13.90 19.91 -6.08
CA ASP B 168 -15.11 19.13 -5.83
C ASP B 168 -14.81 17.63 -5.93
N GLU B 169 -15.86 16.80 -5.91
CA GLU B 169 -15.80 15.34 -6.02
C GLU B 169 -15.10 14.86 -7.32
N ALA B 170 -15.10 15.65 -8.42
CA ALA B 170 -14.41 15.25 -9.66
C ALA B 170 -13.10 16.02 -9.89
N PHE B 171 -12.63 16.77 -8.86
CA PHE B 171 -11.45 17.63 -8.84
C PHE B 171 -11.61 18.81 -9.81
N THR B 172 -12.85 19.30 -9.99
CA THR B 172 -13.14 20.49 -10.79
C THR B 172 -12.75 21.66 -9.90
N ALA B 173 -11.92 22.57 -10.45
CA ALA B 173 -11.45 23.77 -9.78
C ALA B 173 -12.57 24.77 -9.65
N LYS B 174 -12.75 25.34 -8.45
CA LYS B 174 -13.74 26.35 -8.15
C LYS B 174 -13.06 27.52 -7.43
N ILE B 175 -13.06 28.71 -8.02
CA ILE B 175 -12.53 29.91 -7.36
C ILE B 175 -13.49 30.22 -6.18
N SER B 176 -12.94 30.57 -5.01
CA SER B 176 -13.72 30.91 -3.82
C SER B 176 -13.25 32.21 -3.16
N ASP B 177 -13.89 32.56 -2.02
CA ASP B 177 -13.70 33.76 -1.19
C ASP B 177 -13.75 35.01 -2.01
N PHE B 178 -14.99 35.50 -2.23
CA PHE B 178 -15.29 36.70 -3.02
C PHE B 178 -15.46 37.96 -2.15
N GLY B 179 -15.01 37.87 -0.90
CA GLY B 179 -15.10 38.93 0.10
C GLY B 179 -14.34 40.20 -0.24
N LEU B 180 -13.21 40.06 -0.93
CA LEU B 180 -12.36 41.18 -1.36
C LEU B 180 -12.62 41.60 -2.81
N ALA B 181 -13.50 40.88 -3.53
CA ALA B 181 -13.79 41.14 -4.95
C ALA B 181 -14.28 42.54 -5.21
N ARG B 182 -13.81 43.14 -6.29
CA ARG B 182 -14.15 44.51 -6.67
C ARG B 182 -14.71 44.55 -8.09
N ALA B 183 -15.87 45.20 -8.26
CA ALA B 183 -16.52 45.32 -9.56
C ALA B 183 -16.21 46.61 -10.32
N SER B 184 -15.58 46.47 -11.50
CA SER B 184 -15.28 47.56 -12.45
C SER B 184 -16.52 47.76 -13.36
N GLU B 185 -16.56 48.87 -14.11
CA GLU B 185 -17.71 49.16 -14.98
C GLU B 185 -17.39 48.98 -16.48
N THR B 190 -8.01 51.22 -14.24
CA THR B 190 -7.31 52.45 -13.86
C THR B 190 -7.83 52.97 -12.51
N VAL B 191 -7.64 52.19 -11.40
CA VAL B 191 -8.16 52.58 -10.09
C VAL B 191 -7.07 52.44 -8.99
N MET B 192 -7.16 53.25 -7.92
CA MET B 192 -6.25 53.22 -6.79
C MET B 192 -7.04 53.12 -5.47
N ARG B 195 -6.95 51.21 1.18
CA ARG B 195 -6.98 49.96 1.95
C ARG B 195 -6.48 48.81 1.07
N ILE B 196 -5.17 48.50 1.16
CA ILE B 196 -4.53 47.46 0.38
C ILE B 196 -4.82 46.08 0.97
N VAL B 197 -5.46 45.22 0.17
CA VAL B 197 -5.81 43.85 0.56
C VAL B 197 -5.25 42.82 -0.45
N GLY B 198 -5.07 41.59 0.03
CA GLY B 198 -4.51 40.47 -0.72
C GLY B 198 -3.51 39.68 0.11
N THR B 199 -2.83 38.71 -0.51
CA THR B 199 -1.82 37.85 0.13
C THR B 199 -0.49 38.17 -0.50
N THR B 200 0.42 38.78 0.28
CA THR B 200 1.72 39.31 -0.14
C THR B 200 2.50 38.37 -1.09
N ALA B 201 2.58 37.06 -0.76
CA ALA B 201 3.30 36.04 -1.51
C ALA B 201 2.76 35.86 -2.95
N TYR B 202 1.51 36.30 -3.21
CA TYR B 202 0.82 36.21 -4.49
C TYR B 202 0.61 37.55 -5.19
N MET B 203 0.78 38.67 -4.48
CA MET B 203 0.48 40.03 -4.96
C MET B 203 1.43 40.58 -6.00
N ALA B 204 0.87 41.25 -7.03
CA ALA B 204 1.63 41.91 -8.11
C ALA B 204 2.28 43.18 -7.55
N PRO B 205 3.40 43.67 -8.13
CA PRO B 205 4.02 44.90 -7.60
C PRO B 205 3.05 46.08 -7.47
N GLU B 206 2.21 46.31 -8.50
CA GLU B 206 1.24 47.43 -8.50
C GLU B 206 0.12 47.26 -7.48
N ALA B 207 -0.28 46.01 -7.15
CA ALA B 207 -1.35 45.72 -6.19
C ALA B 207 -0.85 46.03 -4.78
N LEU B 208 0.48 45.84 -4.55
CA LEU B 208 1.15 46.15 -3.27
C LEU B 208 1.23 47.67 -3.07
N ARG B 209 1.19 48.44 -4.19
CA ARG B 209 1.22 49.90 -4.20
C ARG B 209 -0.18 50.49 -4.07
N GLY B 210 -1.20 49.66 -4.28
CA GLY B 210 -2.58 50.08 -4.14
C GLY B 210 -3.42 50.14 -5.39
N GLU B 211 -2.85 49.76 -6.55
CA GLU B 211 -3.60 49.77 -7.81
C GLU B 211 -4.61 48.64 -7.80
N ILE B 212 -5.78 48.87 -8.45
CA ILE B 212 -6.83 47.86 -8.59
C ILE B 212 -7.03 47.62 -10.09
N THR B 213 -6.62 46.44 -10.57
CA THR B 213 -6.68 46.05 -11.99
C THR B 213 -6.81 44.52 -12.16
N PRO B 214 -7.52 44.01 -13.19
CA PRO B 214 -7.58 42.54 -13.38
C PRO B 214 -6.23 41.92 -13.73
N LYS B 215 -5.25 42.75 -14.14
CA LYS B 215 -3.89 42.34 -14.50
C LYS B 215 -3.15 41.79 -13.28
N SER B 216 -3.56 42.22 -12.07
CA SER B 216 -3.01 41.76 -10.80
C SER B 216 -3.46 40.31 -10.52
N ASP B 217 -4.70 39.95 -10.90
CA ASP B 217 -5.26 38.59 -10.77
C ASP B 217 -4.46 37.59 -11.62
N ILE B 218 -3.97 38.05 -12.81
CA ILE B 218 -3.14 37.28 -13.74
C ILE B 218 -1.81 36.97 -13.08
N TYR B 219 -1.19 37.97 -12.42
CA TYR B 219 0.08 37.78 -11.72
C TYR B 219 -0.07 36.70 -10.66
N SER B 220 -1.12 36.81 -9.80
CA SER B 220 -1.44 35.89 -8.72
C SER B 220 -1.69 34.48 -9.26
N PHE B 221 -2.31 34.36 -10.46
CA PHE B 221 -2.52 33.07 -11.13
C PHE B 221 -1.21 32.44 -11.57
N GLY B 222 -0.23 33.26 -11.93
CA GLY B 222 1.12 32.86 -12.28
C GLY B 222 1.81 32.14 -11.13
N VAL B 223 1.63 32.63 -9.90
CA VAL B 223 2.19 32.02 -8.69
C VAL B 223 1.53 30.67 -8.45
N VAL B 224 0.20 30.60 -8.64
CA VAL B 224 -0.61 29.38 -8.51
C VAL B 224 -0.09 28.32 -9.50
N LEU B 225 0.19 28.72 -10.75
CA LEU B 225 0.74 27.81 -11.75
C LEU B 225 2.10 27.27 -11.34
N LEU B 226 2.93 28.09 -10.66
CA LEU B 226 4.23 27.64 -10.13
C LEU B 226 4.04 26.62 -9.02
N GLU B 227 3.01 26.81 -8.17
CA GLU B 227 2.65 25.89 -7.09
C GLU B 227 2.21 24.56 -7.68
N ILE B 228 1.47 24.59 -8.81
CA ILE B 228 0.98 23.37 -9.49
C ILE B 228 2.18 22.59 -10.08
N ILE B 229 3.16 23.30 -10.70
CA ILE B 229 4.34 22.65 -11.30
C ILE B 229 5.24 22.02 -10.24
N THR B 230 5.52 22.75 -9.16
CA THR B 230 6.50 22.41 -8.12
C THR B 230 5.97 21.74 -6.87
N GLY B 231 4.72 21.98 -6.53
CA GLY B 231 4.14 21.45 -5.30
C GLY B 231 4.67 22.17 -4.07
N LEU B 232 5.38 23.31 -4.27
CA LEU B 232 5.98 24.11 -3.21
C LEU B 232 5.05 25.21 -2.77
N PRO B 233 4.99 25.58 -1.46
CA PRO B 233 4.12 26.71 -1.07
C PRO B 233 4.70 28.05 -1.54
N ALA B 234 3.83 29.06 -1.79
CA ALA B 234 4.20 30.40 -2.28
C ALA B 234 5.28 31.10 -1.45
N VAL B 235 5.23 30.88 -0.13
CA VAL B 235 6.21 31.37 0.83
C VAL B 235 6.64 30.24 1.78
N ASP B 236 7.95 30.15 2.06
CA ASP B 236 8.53 29.24 3.04
C ASP B 236 9.73 29.98 3.70
N GLU B 237 9.60 30.32 4.99
CA GLU B 237 10.65 31.05 5.70
C GLU B 237 12.00 30.32 5.71
N HIS B 238 11.98 28.98 5.78
CA HIS B 238 13.21 28.17 5.77
C HIS B 238 13.60 27.76 4.36
N ARG B 239 13.38 28.59 3.34
CA ARG B 239 13.71 28.21 1.99
C ARG B 239 14.46 29.30 1.27
N GLU B 240 15.30 28.92 0.29
CA GLU B 240 16.01 29.83 -0.56
C GLU B 240 15.63 29.48 -1.99
N PRO B 241 14.80 30.32 -2.67
CA PRO B 241 14.26 31.61 -2.17
C PRO B 241 13.04 31.42 -1.27
N GLN B 242 12.80 32.39 -0.38
CA GLN B 242 11.65 32.37 0.55
C GLN B 242 10.36 32.43 -0.24
N LEU B 243 10.33 33.28 -1.31
CA LEU B 243 9.17 33.47 -2.16
C LEU B 243 9.31 32.71 -3.42
N LEU B 244 8.30 31.84 -3.72
CA LEU B 244 8.24 30.98 -4.90
C LEU B 244 8.34 31.75 -6.21
N LEU B 245 7.76 32.98 -6.28
CA LEU B 245 7.83 33.82 -7.48
C LEU B 245 9.28 34.16 -7.92
N ASP B 246 10.24 34.09 -6.96
CA ASP B 246 11.66 34.35 -7.20
C ASP B 246 12.39 33.26 -8.00
N ILE B 247 11.79 32.06 -8.15
CA ILE B 247 12.40 30.96 -8.92
C ILE B 247 12.43 31.31 -10.41
N LYS B 248 11.54 32.24 -10.84
CA LYS B 248 11.45 32.73 -12.21
C LYS B 248 12.80 33.42 -12.60
N GLU B 249 13.40 34.17 -11.65
CA GLU B 249 14.69 34.86 -11.78
C GLU B 249 15.84 33.88 -11.88
N GLU B 250 15.88 32.85 -11.00
CA GLU B 250 16.87 31.77 -10.97
C GLU B 250 16.89 31.02 -12.32
N ILE B 251 15.71 30.76 -12.89
CA ILE B 251 15.57 30.07 -14.19
C ILE B 251 16.00 31.00 -15.34
N GLU B 252 15.66 32.30 -15.27
CA GLU B 252 16.05 33.29 -16.28
C GLU B 252 17.58 33.53 -16.30
N ASP B 253 18.22 33.53 -15.11
CA ASP B 253 19.66 33.73 -14.93
C ASP B 253 20.49 32.43 -15.08
N GLU B 254 19.86 31.34 -15.60
CA GLU B 254 20.40 30.01 -15.88
C GLU B 254 21.10 29.33 -14.67
N GLU B 255 20.80 29.76 -13.43
CA GLU B 255 21.35 29.18 -12.20
C GLU B 255 20.67 27.81 -11.97
N LYS B 256 19.39 27.69 -12.43
CA LYS B 256 18.53 26.53 -12.30
C LYS B 256 17.64 26.36 -13.54
N THR B 257 17.06 25.15 -13.70
CA THR B 257 16.14 24.79 -14.78
C THR B 257 14.75 24.54 -14.18
N ILE B 258 13.71 24.49 -15.03
CA ILE B 258 12.37 24.19 -14.53
C ILE B 258 12.30 22.74 -14.05
N GLU B 259 13.05 21.85 -14.75
CA GLU B 259 13.20 20.42 -14.47
C GLU B 259 13.63 20.16 -13.03
N ASP B 260 14.48 21.03 -12.46
CA ASP B 260 14.97 20.94 -11.08
C ASP B 260 13.85 21.22 -10.09
N TYR B 261 12.82 21.96 -10.52
CA TYR B 261 11.73 22.38 -9.67
C TYR B 261 10.46 21.53 -9.79
N ILE B 262 10.27 20.78 -10.90
CA ILE B 262 9.11 19.89 -11.13
C ILE B 262 8.84 19.02 -9.93
N ASP B 263 7.57 19.01 -9.45
CA ASP B 263 7.12 18.20 -8.32
C ASP B 263 7.47 16.73 -8.62
N LYS B 264 8.20 16.10 -7.70
CA LYS B 264 8.64 14.71 -7.81
C LYS B 264 7.53 13.74 -7.42
N LYS B 265 6.45 14.27 -6.84
CA LYS B 265 5.30 13.48 -6.40
C LYS B 265 4.31 13.20 -7.55
N MET B 266 4.81 13.16 -8.80
CA MET B 266 4.07 12.87 -10.03
C MET B 266 4.83 11.83 -10.83
N ASN B 267 4.12 10.98 -11.61
CA ASN B 267 4.77 9.98 -12.48
C ASN B 267 4.43 10.15 -13.98
N ASP B 268 3.51 11.08 -14.30
CA ASP B 268 2.98 11.29 -15.65
C ASP B 268 3.31 12.65 -16.28
N ALA B 269 4.23 13.42 -15.67
CA ALA B 269 4.63 14.71 -16.22
C ALA B 269 5.57 14.50 -17.40
N ASP B 270 5.40 15.28 -18.44
CA ASP B 270 6.30 15.23 -19.57
C ASP B 270 6.84 16.65 -19.67
N SER B 271 8.13 16.77 -19.97
CA SER B 271 8.85 18.03 -20.09
C SER B 271 8.17 19.10 -20.94
N THR B 272 7.63 18.73 -22.10
CA THR B 272 6.99 19.66 -23.05
C THR B 272 5.79 20.36 -22.45
N SER B 273 4.84 19.63 -21.85
CA SER B 273 3.65 20.24 -21.25
C SER B 273 3.99 20.99 -19.97
N VAL B 274 4.98 20.53 -19.20
CA VAL B 274 5.43 21.24 -17.99
C VAL B 274 6.05 22.60 -18.39
N GLU B 275 6.90 22.62 -19.45
CA GLU B 275 7.56 23.82 -19.98
C GLU B 275 6.53 24.76 -20.55
N ALA B 276 5.46 24.23 -21.16
CA ALA B 276 4.35 25.04 -21.69
C ALA B 276 3.54 25.67 -20.56
N MET B 277 3.38 24.99 -19.40
CA MET B 277 2.68 25.62 -18.29
C MET B 277 3.62 26.64 -17.64
N TYR B 278 4.93 26.32 -17.58
CA TYR B 278 5.91 27.25 -17.00
C TYR B 278 5.97 28.54 -17.79
N SER B 279 5.96 28.45 -19.15
CA SER B 279 5.96 29.59 -20.05
C SER B 279 4.77 30.51 -19.78
N VAL B 280 3.54 29.94 -19.59
CA VAL B 280 2.31 30.67 -19.21
C VAL B 280 2.56 31.35 -17.87
N ALA B 281 3.10 30.63 -16.87
CA ALA B 281 3.39 31.17 -15.51
C ALA B 281 4.39 32.31 -15.57
N SER B 282 5.44 32.18 -16.42
CA SER B 282 6.47 33.17 -16.64
C SER B 282 5.87 34.45 -17.21
N GLN B 283 5.03 34.33 -18.23
CA GLN B 283 4.31 35.44 -18.87
C GLN B 283 3.41 36.15 -17.85
N CYS B 284 2.65 35.39 -17.03
CA CYS B 284 1.77 35.93 -15.98
C CYS B 284 2.55 36.72 -14.97
N LEU B 285 3.77 36.30 -14.65
CA LEU B 285 4.61 36.90 -13.61
C LEU B 285 5.47 38.10 -14.06
N HIS B 286 5.20 38.64 -15.26
CA HIS B 286 5.90 39.83 -15.75
C HIS B 286 5.68 40.97 -14.76
N GLU B 287 6.76 41.67 -14.37
CA GLU B 287 6.70 42.79 -13.42
C GLU B 287 5.91 43.98 -13.96
N LYS B 288 5.91 44.18 -15.30
CA LYS B 288 5.15 45.22 -15.99
C LYS B 288 3.76 44.66 -16.33
N LYS B 289 2.73 45.18 -15.64
CA LYS B 289 1.33 44.76 -15.78
C LYS B 289 0.81 44.65 -17.22
N ASN B 290 1.23 45.57 -18.10
CA ASN B 290 0.76 45.61 -19.49
C ASN B 290 1.44 44.59 -20.39
N LYS B 291 2.58 44.02 -19.94
CA LYS B 291 3.28 42.98 -20.69
C LYS B 291 2.74 41.56 -20.38
N ARG B 292 1.91 41.42 -19.31
CA ARG B 292 1.20 40.19 -18.91
C ARG B 292 0.10 39.84 -19.90
N PRO B 293 -0.17 38.53 -20.16
CA PRO B 293 -1.29 38.18 -21.04
C PRO B 293 -2.61 38.39 -20.32
N ASP B 294 -3.70 38.60 -21.05
CA ASP B 294 -5.00 38.71 -20.41
C ASP B 294 -5.53 37.28 -20.16
N ILE B 295 -6.60 37.13 -19.37
CA ILE B 295 -7.11 35.80 -19.02
C ILE B 295 -7.50 34.95 -20.25
N LYS B 296 -8.04 35.58 -21.31
CA LYS B 296 -8.41 34.88 -22.55
C LYS B 296 -7.20 34.26 -23.24
N LYS B 297 -6.04 34.92 -23.19
CA LYS B 297 -4.78 34.40 -23.74
C LYS B 297 -4.27 33.26 -22.83
N VAL B 298 -4.43 33.39 -21.51
CA VAL B 298 -4.03 32.36 -20.54
C VAL B 298 -4.82 31.08 -20.83
N GLN B 299 -6.15 31.19 -21.04
CA GLN B 299 -7.02 30.05 -21.37
C GLN B 299 -6.52 29.34 -22.60
N GLN B 300 -6.29 30.12 -23.68
CA GLN B 300 -5.84 29.69 -24.99
C GLN B 300 -4.54 28.90 -24.88
N LEU B 301 -3.57 29.46 -24.13
CA LEU B 301 -2.26 28.84 -23.92
C LEU B 301 -2.35 27.54 -23.12
N LEU B 302 -3.24 27.49 -22.10
CA LEU B 302 -3.46 26.29 -21.28
C LEU B 302 -4.19 25.21 -22.05
N GLN B 303 -5.03 25.59 -23.03
CA GLN B 303 -5.73 24.66 -23.92
C GLN B 303 -4.75 24.03 -24.92
N GLU B 304 -3.84 24.83 -25.50
CA GLU B 304 -2.83 24.38 -26.48
C GLU B 304 -1.82 23.40 -25.85
N MET B 305 -1.60 23.55 -24.54
CA MET B 305 -0.71 22.73 -23.71
C MET B 305 -1.14 21.26 -23.69
N THR B 306 -2.47 20.96 -23.82
CA THR B 306 -3.03 19.60 -23.81
C THR B 306 -3.69 19.19 -25.14
N ARG C 12 24.81 -21.00 -3.82
CA ARG C 12 23.39 -20.68 -3.95
C ARG C 12 23.15 -19.36 -4.73
N PHE C 13 24.25 -18.63 -5.05
CA PHE C 13 24.19 -17.42 -5.84
C PHE C 13 24.52 -17.82 -7.27
N HIS C 14 23.63 -17.48 -8.21
CA HIS C 14 23.75 -17.82 -9.61
C HIS C 14 24.71 -16.90 -10.38
N SER C 15 25.63 -17.50 -11.13
CA SER C 15 26.55 -16.75 -11.98
C SER C 15 25.88 -16.53 -13.33
N PHE C 16 25.66 -15.26 -13.69
CA PHE C 16 25.03 -14.86 -14.96
C PHE C 16 26.11 -14.36 -15.92
N SER C 17 25.90 -14.55 -17.23
CA SER C 17 26.82 -13.96 -18.20
C SER C 17 26.32 -12.52 -18.38
N PHE C 18 27.20 -11.52 -18.46
CA PHE C 18 26.76 -10.13 -18.58
C PHE C 18 25.68 -9.87 -19.65
N TYR C 19 25.77 -10.56 -20.82
CA TYR C 19 24.84 -10.43 -21.95
C TYR C 19 23.39 -10.78 -21.56
N GLU C 20 23.22 -11.84 -20.70
CA GLU C 20 21.93 -12.31 -20.16
C GLU C 20 21.23 -11.16 -19.41
N LEU C 21 22.01 -10.36 -18.68
CA LEU C 21 21.57 -9.23 -17.87
C LEU C 21 21.33 -7.98 -18.71
N LYS C 22 21.98 -7.91 -19.89
CA LYS C 22 21.76 -6.82 -20.84
C LYS C 22 20.37 -7.08 -21.41
N ASN C 23 20.06 -8.36 -21.68
CA ASN C 23 18.76 -8.78 -22.19
C ASN C 23 17.61 -8.53 -21.23
N VAL C 24 17.78 -8.79 -19.91
CA VAL C 24 16.69 -8.72 -18.93
C VAL C 24 16.31 -7.26 -18.63
N THR C 25 17.31 -6.36 -18.63
CA THR C 25 17.14 -4.92 -18.35
C THR C 25 16.92 -4.10 -19.62
N ASN C 26 16.83 -4.79 -20.81
CA ASN C 26 16.65 -4.21 -22.13
C ASN C 26 17.80 -3.20 -22.40
N ASN C 27 19.05 -3.69 -22.35
CA ASN C 27 20.27 -2.88 -22.49
C ASN C 27 20.34 -1.76 -21.42
N PHE C 28 20.05 -2.11 -20.16
CA PHE C 28 20.10 -1.16 -19.06
C PHE C 28 19.43 0.16 -19.44
N ASP C 29 18.19 0.07 -20.00
CA ASP C 29 17.38 1.23 -20.45
C ASP C 29 17.24 2.22 -19.28
N GLU C 30 17.79 3.42 -19.50
CA GLU C 30 17.90 4.52 -18.55
C GLU C 30 16.62 5.31 -18.31
N ARG C 31 15.53 5.08 -19.08
CA ARG C 31 14.24 5.75 -18.80
C ARG C 31 13.71 5.24 -17.46
N PRO C 32 13.00 6.10 -16.69
CA PRO C 32 12.44 5.61 -15.42
C PRO C 32 11.48 4.44 -15.65
N ILE C 33 11.42 3.49 -14.71
CA ILE C 33 10.48 2.36 -14.77
C ILE C 33 9.02 2.84 -14.81
N SER C 34 8.75 4.06 -14.28
CA SER C 34 7.43 4.70 -14.28
C SER C 34 6.97 5.19 -15.68
N VAL C 35 7.78 5.03 -16.74
CA VAL C 35 7.54 5.67 -18.03
C VAL C 35 7.58 4.84 -19.42
N GLY C 36 7.87 3.53 -19.50
CA GLY C 36 8.29 2.59 -18.50
C GLY C 36 9.55 1.92 -19.01
N GLY C 37 10.69 2.53 -18.64
CA GLY C 37 12.01 2.04 -18.99
C GLY C 37 12.48 1.03 -17.99
N ASN C 38 13.77 1.03 -17.66
CA ASN C 38 14.26 0.04 -16.69
C ASN C 38 14.99 0.63 -15.48
N LYS C 39 15.33 1.94 -15.52
CA LYS C 39 16.05 2.59 -14.43
C LYS C 39 15.13 2.78 -13.21
N MET C 40 15.57 2.22 -12.08
CA MET C 40 14.81 2.25 -10.83
C MET C 40 15.34 3.31 -9.86
N GLY C 41 16.65 3.45 -9.83
CA GLY C 41 17.36 4.38 -8.98
C GLY C 41 18.85 4.19 -9.12
N GLU C 42 19.60 5.08 -8.47
CA GLU C 42 21.05 5.02 -8.51
C GLU C 42 21.67 5.32 -7.16
N GLY C 43 22.59 4.44 -6.76
CA GLY C 43 23.36 4.61 -5.53
C GLY C 43 24.71 5.21 -5.84
N GLY C 44 25.67 4.93 -4.98
CA GLY C 44 27.06 5.35 -5.13
C GLY C 44 27.81 4.26 -5.85
N PHE C 45 28.49 4.61 -6.96
CA PHE C 45 29.26 3.65 -7.79
C PHE C 45 28.34 2.52 -8.36
N GLY C 46 27.13 2.90 -8.81
CA GLY C 46 26.19 1.95 -9.39
C GLY C 46 24.78 2.45 -9.67
N VAL C 47 24.21 2.00 -10.81
CA VAL C 47 22.82 2.25 -11.24
C VAL C 47 22.05 0.90 -11.12
N VAL C 48 20.79 0.96 -10.61
CA VAL C 48 19.93 -0.20 -10.38
C VAL C 48 18.75 -0.20 -11.39
N TYR C 49 18.59 -1.36 -12.06
CA TYR C 49 17.59 -1.59 -13.08
C TYR C 49 16.70 -2.78 -12.82
N LYS C 50 15.47 -2.68 -13.32
CA LYS C 50 14.41 -3.70 -13.22
C LYS C 50 14.52 -4.68 -14.35
N GLY C 51 14.26 -5.96 -14.05
CA GLY C 51 14.29 -7.05 -15.00
C GLY C 51 13.49 -8.27 -14.57
N TYR C 52 13.37 -9.24 -15.49
CA TYR C 52 12.65 -10.49 -15.24
C TYR C 52 13.58 -11.59 -15.68
N VAL C 53 13.84 -12.52 -14.77
CA VAL C 53 14.69 -13.67 -15.00
C VAL C 53 13.82 -14.84 -14.58
N ASN C 54 13.42 -15.68 -15.52
CA ASN C 54 12.64 -16.89 -15.26
C ASN C 54 11.33 -16.59 -14.45
N ASN C 55 10.59 -15.53 -14.87
CA ASN C 55 9.34 -15.07 -14.24
C ASN C 55 9.55 -14.28 -12.91
N THR C 56 10.78 -14.27 -12.37
CA THR C 56 11.14 -13.57 -11.15
C THR C 56 11.45 -12.14 -11.49
N THR C 57 10.85 -11.18 -10.76
CA THR C 57 11.19 -9.76 -10.92
C THR C 57 12.51 -9.55 -10.17
N VAL C 58 13.53 -9.04 -10.85
CA VAL C 58 14.82 -8.85 -10.20
C VAL C 58 15.26 -7.38 -10.16
N ALA C 59 16.28 -7.11 -9.34
CA ALA C 59 16.90 -5.80 -9.25
C ALA C 59 18.35 -6.00 -9.70
N VAL C 60 18.75 -5.40 -10.83
CA VAL C 60 20.10 -5.58 -11.36
C VAL C 60 20.90 -4.32 -11.10
N LYS C 61 21.92 -4.47 -10.28
CA LYS C 61 22.80 -3.35 -9.97
C LYS C 61 24.02 -3.45 -10.90
N LYS C 62 24.21 -2.41 -11.72
CA LYS C 62 25.32 -2.25 -12.66
C LYS C 62 26.32 -1.26 -12.03
N LEU C 63 27.41 -1.82 -11.47
CA LEU C 63 28.48 -1.08 -10.78
C LEU C 63 29.23 -0.17 -11.76
N ALA C 64 29.41 1.12 -11.38
CA ALA C 64 30.07 2.16 -12.18
C ALA C 64 31.47 2.51 -11.68
N THR C 70 38.58 3.81 -8.05
CA THR C 70 39.51 3.01 -8.86
C THR C 70 38.91 1.65 -9.24
N THR C 71 39.60 0.92 -10.13
CA THR C 71 39.18 -0.39 -10.62
C THR C 71 39.26 -1.46 -9.52
N GLU C 72 40.34 -1.44 -8.69
CA GLU C 72 40.56 -2.38 -7.57
C GLU C 72 39.52 -2.21 -6.48
N GLU C 73 39.17 -0.94 -6.16
CA GLU C 73 38.18 -0.59 -5.13
C GLU C 73 36.75 -1.06 -5.48
N LEU C 74 36.38 -0.97 -6.78
CA LEU C 74 35.06 -1.40 -7.29
C LEU C 74 34.88 -2.91 -7.15
N LYS C 75 35.93 -3.70 -7.50
CA LYS C 75 35.92 -5.16 -7.39
C LYS C 75 35.91 -5.57 -5.90
N GLN C 76 36.60 -4.80 -5.01
CA GLN C 76 36.66 -5.01 -3.57
C GLN C 76 35.26 -4.88 -2.97
N GLN C 77 34.52 -3.83 -3.35
CA GLN C 77 33.17 -3.52 -2.88
C GLN C 77 32.15 -4.54 -3.39
N PHE C 78 32.32 -5.00 -4.65
CA PHE C 78 31.52 -6.01 -5.32
C PHE C 78 31.65 -7.33 -4.56
N ASP C 79 32.90 -7.76 -4.24
CA ASP C 79 33.18 -8.97 -3.48
C ASP C 79 32.71 -8.87 -2.01
N GLN C 80 32.63 -7.64 -1.48
CA GLN C 80 32.15 -7.43 -0.12
C GLN C 80 30.62 -7.66 -0.02
N GLU C 81 29.86 -7.27 -1.07
CA GLU C 81 28.41 -7.52 -1.15
C GLU C 81 28.14 -9.03 -1.11
N ILE C 82 28.84 -9.80 -1.98
CA ILE C 82 28.74 -11.27 -2.10
C ILE C 82 29.09 -12.00 -0.78
N LYS C 83 30.13 -11.51 -0.07
CA LYS C 83 30.63 -12.08 1.19
C LYS C 83 29.67 -11.85 2.36
N VAL C 84 29.20 -10.61 2.52
CA VAL C 84 28.26 -10.23 3.56
C VAL C 84 26.90 -10.90 3.34
N MET C 85 26.42 -10.94 2.07
CA MET C 85 25.14 -11.57 1.68
C MET C 85 25.08 -13.11 1.83
N ALA C 86 26.24 -13.76 1.72
CA ALA C 86 26.30 -15.22 1.85
C ALA C 86 26.11 -15.58 3.32
N LYS C 87 26.69 -14.77 4.23
CA LYS C 87 26.62 -14.96 5.68
C LYS C 87 25.30 -14.44 6.31
N CYS C 88 24.82 -13.26 5.85
CA CYS C 88 23.68 -12.56 6.44
C CYS C 88 22.36 -12.75 5.68
N GLN C 89 21.48 -13.60 6.25
CA GLN C 89 20.13 -13.90 5.75
C GLN C 89 19.12 -13.68 6.88
N HIS C 90 18.20 -12.73 6.68
CA HIS C 90 17.20 -12.32 7.66
C HIS C 90 16.07 -11.65 6.89
N GLU C 91 14.81 -11.72 7.41
CA GLU C 91 13.66 -11.10 6.76
C GLU C 91 13.76 -9.58 6.63
N ASN C 92 14.63 -8.91 7.39
CA ASN C 92 14.82 -7.46 7.32
C ASN C 92 16.10 -7.06 6.60
N LEU C 93 16.67 -7.95 5.78
CA LEU C 93 17.83 -7.65 4.94
C LEU C 93 17.49 -8.03 3.50
N VAL C 94 18.06 -7.33 2.49
CA VAL C 94 17.79 -7.70 1.10
C VAL C 94 18.46 -9.04 0.77
N GLU C 95 17.92 -9.76 -0.22
CA GLU C 95 18.44 -11.05 -0.65
C GLU C 95 19.12 -10.95 -2.02
N LEU C 96 20.36 -11.48 -2.10
CA LEU C 96 21.13 -11.59 -3.33
C LEU C 96 20.74 -12.90 -4.02
N LEU C 97 20.49 -12.84 -5.33
CA LEU C 97 20.15 -14.02 -6.13
C LEU C 97 21.35 -14.51 -6.99
N GLY C 98 22.22 -13.58 -7.40
CA GLY C 98 23.40 -13.88 -8.20
C GLY C 98 24.13 -12.65 -8.64
N PHE C 99 25.05 -12.81 -9.61
CA PHE C 99 25.96 -11.77 -10.10
C PHE C 99 26.54 -12.09 -11.50
N SER C 100 27.28 -11.13 -12.06
CA SER C 100 28.03 -11.25 -13.31
C SER C 100 29.37 -10.53 -13.12
N SER C 101 30.48 -11.21 -13.48
CA SER C 101 31.87 -10.74 -13.40
C SER C 101 32.71 -11.26 -14.61
N ASP C 102 32.06 -11.37 -15.79
CA ASP C 102 32.69 -11.90 -17.01
C ASP C 102 33.67 -10.92 -17.67
N GLY C 103 33.23 -9.67 -17.88
CA GLY C 103 34.06 -8.64 -18.49
C GLY C 103 34.62 -7.66 -17.48
N ASP C 104 34.70 -6.39 -17.89
CA ASP C 104 35.18 -5.30 -17.03
C ASP C 104 34.00 -4.72 -16.24
N ASP C 105 32.77 -5.14 -16.60
CA ASP C 105 31.53 -4.73 -15.95
C ASP C 105 31.08 -5.73 -14.87
N LEU C 106 30.69 -5.19 -13.70
CA LEU C 106 30.23 -5.95 -12.53
C LEU C 106 28.73 -5.70 -12.27
N CYS C 107 27.98 -6.80 -12.14
CA CYS C 107 26.52 -6.80 -11.92
C CYS C 107 26.12 -7.67 -10.74
N LEU C 108 25.30 -7.11 -9.86
CA LEU C 108 24.73 -7.83 -8.72
C LEU C 108 23.21 -7.92 -8.92
N VAL C 109 22.64 -9.10 -8.72
CA VAL C 109 21.20 -9.35 -8.97
C VAL C 109 20.54 -9.72 -7.65
N TYR C 110 19.43 -9.06 -7.33
CA TYR C 110 18.72 -9.23 -6.07
C TYR C 110 17.27 -9.43 -6.25
N VAL C 111 16.60 -9.83 -5.15
CA VAL C 111 15.15 -9.93 -5.10
C VAL C 111 14.63 -8.48 -5.20
N TYR C 112 13.73 -8.23 -6.13
CA TYR C 112 13.11 -6.93 -6.38
C TYR C 112 12.26 -6.46 -5.21
N MET C 113 12.29 -5.16 -4.91
CA MET C 113 11.53 -4.54 -3.83
C MET C 113 10.41 -3.70 -4.43
N PRO C 114 9.17 -4.23 -4.46
CA PRO C 114 8.06 -3.52 -5.11
C PRO C 114 7.74 -2.10 -4.65
N ASN C 115 8.12 -1.73 -3.42
CA ASN C 115 7.83 -0.38 -2.96
C ASN C 115 9.05 0.49 -2.86
N GLY C 116 10.12 0.09 -3.53
CA GLY C 116 11.36 0.85 -3.59
C GLY C 116 12.01 1.17 -2.26
N SER C 117 12.53 2.39 -2.13
CA SER C 117 13.23 2.79 -0.94
C SER C 117 12.38 3.62 0.00
N LEU C 118 12.78 3.65 1.27
CA LEU C 118 12.13 4.47 2.30
C LEU C 118 12.24 5.93 1.90
N LEU C 119 13.40 6.35 1.38
CA LEU C 119 13.62 7.73 0.89
C LEU C 119 12.54 8.15 -0.13
N ASP C 120 12.30 7.31 -1.16
CA ASP C 120 11.31 7.55 -2.20
C ASP C 120 9.88 7.53 -1.69
N ARG C 121 9.59 6.69 -0.70
CA ARG C 121 8.26 6.62 -0.12
C ARG C 121 7.98 7.78 0.80
N LEU C 122 9.01 8.28 1.47
CA LEU C 122 8.83 9.45 2.34
C LEU C 122 8.65 10.72 1.53
N SER C 123 9.21 10.77 0.33
CA SER C 123 9.08 11.92 -0.55
C SER C 123 7.89 11.81 -1.53
N CYS C 124 7.13 10.69 -1.47
CA CYS C 124 5.98 10.35 -2.32
C CYS C 124 6.33 10.42 -3.80
N LEU C 125 7.52 9.95 -4.13
CA LEU C 125 8.04 9.92 -5.49
C LEU C 125 7.13 9.10 -6.36
N ASP C 126 6.80 9.65 -7.56
CA ASP C 126 5.96 9.03 -8.60
C ASP C 126 4.49 8.88 -8.21
N GLY C 127 4.01 9.75 -7.34
CA GLY C 127 2.61 9.80 -6.94
C GLY C 127 2.15 8.77 -5.94
N THR C 128 3.09 8.17 -5.19
CA THR C 128 2.73 7.17 -4.19
C THR C 128 2.10 7.85 -2.98
N PRO C 129 1.13 7.21 -2.29
CA PRO C 129 0.51 7.92 -1.15
C PRO C 129 1.43 8.07 0.06
N PRO C 130 1.25 9.14 0.86
CA PRO C 130 2.08 9.30 2.08
C PRO C 130 1.99 8.10 3.00
N LEU C 131 3.08 7.72 3.69
CA LEU C 131 3.06 6.56 4.61
C LEU C 131 2.37 7.02 5.88
N SER C 132 1.50 6.20 6.44
CA SER C 132 0.80 6.56 7.70
C SER C 132 1.79 6.47 8.83
N TRP C 133 1.43 7.00 10.01
CA TRP C 133 2.30 6.95 11.17
C TRP C 133 2.48 5.51 11.65
N HIS C 134 1.42 4.72 11.58
CA HIS C 134 1.39 3.31 11.91
C HIS C 134 2.41 2.54 11.05
N MET C 135 2.38 2.72 9.72
CA MET C 135 3.32 2.08 8.79
C MET C 135 4.75 2.54 9.09
N ARG C 136 4.93 3.84 9.39
CA ARG C 136 6.25 4.42 9.71
C ARG C 136 6.89 3.76 10.94
N CYS C 137 6.08 3.46 11.98
CA CYS C 137 6.51 2.77 13.21
C CYS C 137 6.95 1.35 12.93
N LYS C 138 6.23 0.63 12.07
CA LYS C 138 6.57 -0.74 11.67
C LYS C 138 7.85 -0.80 10.83
N ILE C 139 8.08 0.23 9.99
CA ILE C 139 9.28 0.30 9.17
C ILE C 139 10.52 0.57 10.04
N ALA C 140 10.40 1.48 11.03
CA ALA C 140 11.46 1.80 11.98
C ALA C 140 11.87 0.54 12.74
N GLN C 141 10.88 -0.24 13.23
CA GLN C 141 11.06 -1.49 13.98
C GLN C 141 11.75 -2.54 13.12
N GLY C 142 11.28 -2.72 11.86
CA GLY C 142 11.87 -3.64 10.89
C GLY C 142 13.28 -3.28 10.57
N ALA C 143 13.57 -2.00 10.29
CA ALA C 143 14.94 -1.52 10.00
C ALA C 143 15.88 -1.79 11.18
N ALA C 144 15.44 -1.53 12.43
CA ALA C 144 16.20 -1.77 13.67
C ALA C 144 16.48 -3.28 13.86
N ASN C 145 15.50 -4.16 13.51
CA ASN C 145 15.66 -5.62 13.57
C ASN C 145 16.72 -6.11 12.59
N GLY C 146 16.79 -5.48 11.41
CA GLY C 146 17.79 -5.80 10.39
C GLY C 146 19.18 -5.37 10.83
N ILE C 147 19.31 -4.14 11.41
CA ILE C 147 20.59 -3.63 11.96
C ILE C 147 21.03 -4.52 13.13
N ASN C 148 20.10 -4.89 14.02
CA ASN C 148 20.42 -5.79 15.13
C ASN C 148 21.00 -7.10 14.63
N PHE C 149 20.42 -7.69 13.56
CA PHE C 149 20.95 -8.92 12.98
C PHE C 149 22.38 -8.74 12.51
N LEU C 150 22.67 -7.63 11.82
CA LEU C 150 24.01 -7.32 11.33
C LEU C 150 24.99 -7.14 12.46
N HIS C 151 24.61 -6.39 13.51
CA HIS C 151 25.48 -6.16 14.68
C HIS C 151 25.68 -7.42 15.50
N GLU C 152 24.64 -8.28 15.64
CA GLU C 152 24.71 -9.57 16.35
C GLU C 152 25.71 -10.48 15.68
N ASN C 153 25.86 -10.32 14.35
CA ASN C 153 26.74 -11.10 13.50
C ASN C 153 28.05 -10.38 13.21
N HIS C 154 28.36 -9.35 14.02
CA HIS C 154 29.59 -8.56 14.01
C HIS C 154 29.87 -7.86 12.68
N HIS C 155 28.84 -7.21 12.14
CA HIS C 155 28.95 -6.45 10.90
C HIS C 155 28.58 -5.00 11.16
N ILE C 156 29.34 -4.09 10.56
CA ILE C 156 29.12 -2.65 10.61
C ILE C 156 28.74 -2.27 9.19
N HIS C 157 27.53 -1.76 9.00
CA HIS C 157 27.01 -1.41 7.69
C HIS C 157 27.79 -0.27 7.02
N ARG C 158 28.03 0.85 7.76
CA ARG C 158 28.76 2.07 7.36
C ARG C 158 28.00 3.01 6.38
N ASP C 159 26.78 2.63 5.92
CA ASP C 159 25.99 3.48 5.04
C ASP C 159 24.47 3.32 5.30
N ILE C 160 24.09 3.37 6.56
CA ILE C 160 22.69 3.33 6.98
C ILE C 160 22.10 4.68 6.62
N LYS C 161 21.07 4.65 5.77
CA LYS C 161 20.35 5.82 5.25
C LYS C 161 19.04 5.35 4.69
N SER C 162 18.07 6.25 4.54
CA SER C 162 16.75 5.94 4.04
C SER C 162 16.74 5.39 2.60
N ALA C 163 17.75 5.70 1.77
CA ALA C 163 17.90 5.16 0.41
C ALA C 163 18.25 3.70 0.46
N ASN C 164 18.94 3.29 1.57
CA ASN C 164 19.40 1.92 1.81
C ASN C 164 18.45 1.12 2.69
N ILE C 165 17.21 1.59 2.89
CA ILE C 165 16.17 0.83 3.59
C ILE C 165 15.08 0.63 2.55
N LEU C 166 14.92 -0.61 2.09
CA LEU C 166 13.98 -0.92 1.01
C LEU C 166 12.71 -1.54 1.54
N LEU C 167 11.64 -1.41 0.75
CA LEU C 167 10.30 -1.83 1.13
C LEU C 167 9.71 -2.82 0.15
N ASP C 168 9.27 -3.98 0.65
CA ASP C 168 8.68 -5.01 -0.19
C ASP C 168 7.18 -4.78 -0.41
N GLU C 169 6.47 -5.76 -0.98
CA GLU C 169 5.03 -5.67 -1.25
C GLU C 169 4.17 -5.39 0.01
N ALA C 170 4.62 -5.81 1.22
CA ALA C 170 3.89 -5.57 2.46
C ALA C 170 4.49 -4.41 3.31
N PHE C 171 5.43 -3.66 2.73
CA PHE C 171 6.18 -2.54 3.34
C PHE C 171 7.07 -3.01 4.49
N THR C 172 7.61 -4.23 4.36
CA THR C 172 8.59 -4.79 5.30
C THR C 172 9.91 -4.11 4.95
N ALA C 173 10.56 -3.49 5.97
CA ALA C 173 11.83 -2.79 5.82
C ALA C 173 12.97 -3.81 5.62
N LYS C 174 13.83 -3.59 4.62
CA LYS C 174 14.98 -4.46 4.30
C LYS C 174 16.22 -3.61 4.13
N ILE C 175 17.22 -3.78 5.01
CA ILE C 175 18.49 -3.06 4.90
C ILE C 175 19.20 -3.56 3.63
N SER C 176 19.75 -2.63 2.81
CA SER C 176 20.44 -2.99 1.58
C SER C 176 21.80 -2.35 1.47
N ASP C 177 22.52 -2.73 0.38
CA ASP C 177 23.83 -2.20 -0.01
C ASP C 177 24.89 -2.43 1.06
N PHE C 178 25.46 -3.65 1.06
CA PHE C 178 26.51 -4.08 1.99
C PHE C 178 27.92 -3.98 1.39
N GLY C 179 28.07 -3.16 0.34
CA GLY C 179 29.32 -2.94 -0.39
C GLY C 179 30.41 -2.32 0.46
N LEU C 180 30.02 -1.44 1.40
CA LEU C 180 30.93 -0.75 2.32
C LEU C 180 31.00 -1.44 3.69
N ALA C 181 30.23 -2.54 3.91
CA ALA C 181 30.17 -3.27 5.20
C ALA C 181 31.50 -3.80 5.68
N ARG C 182 31.68 -3.86 7.01
CA ARG C 182 32.92 -4.35 7.63
C ARG C 182 32.70 -5.29 8.80
N ALA C 183 33.47 -6.38 8.83
CA ALA C 183 33.41 -7.36 9.92
C ALA C 183 34.20 -6.80 11.13
N SER C 184 33.81 -7.20 12.36
CA SER C 184 34.44 -6.74 13.60
C SER C 184 34.50 -7.85 14.69
N GLU C 185 34.71 -7.44 15.96
CA GLU C 185 34.74 -8.25 17.19
C GLU C 185 34.61 -7.38 18.45
N THR C 190 36.44 1.80 17.57
CA THR C 190 37.67 1.11 17.99
C THR C 190 38.78 1.18 16.89
N VAL C 191 38.50 0.65 15.69
CA VAL C 191 39.35 0.58 14.47
C VAL C 191 39.39 1.96 13.76
N MET C 192 40.43 2.23 12.95
CA MET C 192 40.59 3.47 12.19
C MET C 192 40.87 3.16 10.71
N ARG C 195 40.61 5.40 4.16
CA ARG C 195 39.58 5.61 3.14
C ARG C 195 38.21 5.76 3.82
N ILE C 196 37.81 7.02 4.05
CA ILE C 196 36.55 7.37 4.70
C ILE C 196 35.38 7.26 3.72
N VAL C 197 34.42 6.36 4.04
CA VAL C 197 33.24 6.13 3.21
C VAL C 197 31.96 6.32 4.03
N GLY C 198 30.85 6.61 3.32
CA GLY C 198 29.54 6.83 3.89
C GLY C 198 28.87 8.03 3.25
N THR C 199 27.73 8.46 3.83
CA THR C 199 26.97 9.62 3.34
C THR C 199 27.03 10.67 4.42
N THR C 200 27.73 11.78 4.13
CA THR C 200 28.05 12.87 5.08
C THR C 200 26.85 13.32 5.92
N ALA C 201 25.67 13.50 5.30
CA ALA C 201 24.44 13.92 5.96
C ALA C 201 23.94 12.97 7.05
N TYR C 202 24.42 11.71 7.03
CA TYR C 202 24.06 10.65 7.99
C TYR C 202 25.20 10.24 8.91
N MET C 203 26.44 10.64 8.60
CA MET C 203 27.66 10.21 9.31
C MET C 203 27.86 10.81 10.68
N ALA C 204 28.30 9.98 11.64
CA ALA C 204 28.62 10.37 13.00
C ALA C 204 29.91 11.16 13.02
N PRO C 205 30.15 12.04 14.03
CA PRO C 205 31.42 12.82 14.04
C PRO C 205 32.68 11.94 13.93
N GLU C 206 32.75 10.81 14.67
CA GLU C 206 33.90 9.90 14.64
C GLU C 206 34.10 9.18 13.31
N ALA C 207 32.99 8.88 12.59
CA ALA C 207 33.03 8.19 11.29
C ALA C 207 33.63 9.13 10.23
N LEU C 208 33.38 10.45 10.39
CA LEU C 208 33.91 11.50 9.52
C LEU C 208 35.41 11.66 9.74
N ARG C 209 35.90 11.29 10.94
CA ARG C 209 37.31 11.33 11.32
C ARG C 209 38.05 10.07 10.89
N GLY C 210 37.30 9.01 10.56
CA GLY C 210 37.86 7.75 10.09
C GLY C 210 37.70 6.56 11.00
N GLU C 211 37.01 6.72 12.16
CA GLU C 211 36.78 5.60 13.06
C GLU C 211 35.77 4.62 12.46
N ILE C 212 35.93 3.32 12.75
CA ILE C 212 35.03 2.25 12.29
C ILE C 212 34.44 1.57 13.53
N THR C 213 33.14 1.81 13.80
CA THR C 213 32.44 1.29 14.98
C THR C 213 30.93 1.07 14.71
N PRO C 214 30.25 0.07 15.33
CA PRO C 214 28.80 -0.07 15.12
C PRO C 214 28.00 1.09 15.70
N LYS C 215 28.62 1.90 16.57
CA LYS C 215 28.02 3.08 17.22
C LYS C 215 27.70 4.17 16.20
N SER C 216 28.45 4.17 15.09
CA SER C 216 28.26 5.10 13.99
C SER C 216 26.96 4.76 13.21
N ASP C 217 26.63 3.45 13.06
CA ASP C 217 25.40 2.94 12.43
C ASP C 217 24.17 3.43 13.21
N ILE C 218 24.28 3.53 14.56
CA ILE C 218 23.23 3.99 15.47
C ILE C 218 22.97 5.47 15.22
N TYR C 219 24.04 6.27 15.06
CA TYR C 219 23.93 7.70 14.76
C TYR C 219 23.12 7.91 13.47
N SER C 220 23.55 7.23 12.39
CA SER C 220 22.92 7.21 11.07
C SER C 220 21.43 6.80 11.16
N PHE C 221 21.10 5.80 12.01
CA PHE C 221 19.71 5.38 12.22
C PHE C 221 18.88 6.47 12.85
N GLY C 222 19.51 7.30 13.71
CA GLY C 222 18.89 8.46 14.33
C GLY C 222 18.44 9.48 13.32
N VAL C 223 19.23 9.69 12.26
CA VAL C 223 18.89 10.60 11.16
C VAL C 223 17.70 10.02 10.38
N VAL C 224 17.70 8.70 10.13
CA VAL C 224 16.62 7.97 9.46
C VAL C 224 15.31 8.16 10.24
N LEU C 225 15.36 8.01 11.56
CA LEU C 225 14.19 8.25 12.41
C LEU C 225 13.66 9.68 12.30
N LEU C 226 14.54 10.67 12.14
CA LEU C 226 14.15 12.07 11.92
C LEU C 226 13.46 12.23 10.56
N GLU C 227 13.94 11.52 9.55
CA GLU C 227 13.34 11.51 8.20
C GLU C 227 11.93 10.91 8.25
N ILE C 228 11.74 9.86 9.07
CA ILE C 228 10.45 9.19 9.28
C ILE C 228 9.45 10.15 9.96
N ILE C 229 9.90 10.89 10.99
CA ILE C 229 9.05 11.84 11.71
C ILE C 229 8.61 13.03 10.84
N THR C 230 9.59 13.63 10.14
CA THR C 230 9.43 14.87 9.38
C THR C 230 9.11 14.73 7.88
N GLY C 231 9.53 13.64 7.27
CA GLY C 231 9.36 13.44 5.83
C GLY C 231 10.31 14.32 5.03
N LEU C 232 11.27 14.97 5.71
CA LEU C 232 12.28 15.84 5.09
C LEU C 232 13.53 15.06 4.72
N PRO C 233 14.22 15.38 3.60
CA PRO C 233 15.48 14.67 3.31
C PRO C 233 16.59 15.11 4.29
N ALA C 234 17.58 14.23 4.58
CA ALA C 234 18.72 14.45 5.48
C ALA C 234 19.51 15.72 5.17
N VAL C 235 19.63 16.06 3.89
CA VAL C 235 20.28 17.26 3.42
C VAL C 235 19.41 17.93 2.35
N ASP C 236 19.31 19.25 2.43
CA ASP C 236 18.66 20.09 1.44
C ASP C 236 19.46 21.40 1.40
N GLU C 237 20.17 21.65 0.27
CA GLU C 237 21.00 22.86 0.11
C GLU C 237 20.18 24.15 0.26
N HIS C 238 18.91 24.14 -0.21
CA HIS C 238 18.04 25.32 -0.10
C HIS C 238 17.21 25.29 1.18
N ARG C 239 17.75 24.80 2.30
CA ARG C 239 16.95 24.74 3.53
C ARG C 239 17.73 25.24 4.72
N GLU C 240 17.00 25.74 5.74
CA GLU C 240 17.57 26.18 6.99
C GLU C 240 16.91 25.36 8.11
N PRO C 241 17.64 24.40 8.73
CA PRO C 241 19.05 24.06 8.49
C PRO C 241 19.22 23.16 7.27
N GLN C 242 20.40 23.20 6.65
CA GLN C 242 20.74 22.39 5.49
C GLN C 242 20.70 20.90 5.86
N LEU C 243 21.24 20.57 7.06
CA LEU C 243 21.31 19.22 7.57
C LEU C 243 20.24 18.99 8.57
N LEU C 244 19.42 17.93 8.32
CA LEU C 244 18.30 17.52 9.17
C LEU C 244 18.68 17.25 10.60
N LEU C 245 19.88 16.66 10.84
CA LEU C 245 20.39 16.35 12.19
C LEU C 245 20.45 17.61 13.08
N ASP C 246 20.63 18.81 12.46
CA ASP C 246 20.70 20.11 13.16
C ASP C 246 19.41 20.55 13.82
N ILE C 247 18.33 19.87 13.49
CA ILE C 247 17.01 20.12 14.03
C ILE C 247 16.95 19.74 15.52
N LYS C 248 17.84 18.82 15.94
CA LYS C 248 17.99 18.34 17.30
C LYS C 248 18.42 19.49 18.23
N GLU C 249 19.35 20.35 17.73
CA GLU C 249 19.89 21.54 18.40
C GLU C 249 18.81 22.62 18.57
N GLU C 250 18.07 22.93 17.49
CA GLU C 250 16.94 23.87 17.45
C GLU C 250 15.87 23.49 18.50
N ILE C 251 15.56 22.17 18.64
CA ILE C 251 14.56 21.66 19.59
C ILE C 251 15.14 21.71 21.03
N GLU C 252 16.45 21.41 21.20
CA GLU C 252 17.11 21.47 22.51
C GLU C 252 17.21 22.92 23.05
N ASP C 253 17.46 23.89 22.14
CA ASP C 253 17.58 25.31 22.46
C ASP C 253 16.23 26.07 22.48
N GLU C 254 15.10 25.30 22.49
CA GLU C 254 13.69 25.74 22.54
C GLU C 254 13.30 26.79 21.45
N GLU C 255 14.07 26.86 20.34
CA GLU C 255 13.77 27.74 19.19
C GLU C 255 12.57 27.19 18.43
N LYS C 256 12.42 25.84 18.46
CA LYS C 256 11.37 25.07 17.80
C LYS C 256 11.00 23.84 18.64
N THR C 257 9.84 23.23 18.30
CA THR C 257 9.31 22.02 18.94
C THR C 257 9.31 20.89 17.90
N ILE C 258 9.14 19.63 18.36
CA ILE C 258 9.08 18.47 17.47
C ILE C 258 7.79 18.60 16.61
N GLU C 259 6.70 19.08 17.24
CA GLU C 259 5.38 19.32 16.67
C GLU C 259 5.45 20.17 15.39
N ASP C 260 6.35 21.17 15.36
CA ASP C 260 6.56 22.05 14.21
C ASP C 260 7.19 21.30 13.04
N TYR C 261 7.87 20.18 13.33
CA TYR C 261 8.58 19.40 12.32
C TYR C 261 7.85 18.15 11.84
N ILE C 262 6.84 17.66 12.58
CA ILE C 262 6.05 16.47 12.22
C ILE C 262 5.54 16.59 10.79
N ASP C 263 5.74 15.53 9.99
CA ASP C 263 5.27 15.44 8.61
C ASP C 263 3.78 15.73 8.59
N LYS C 264 3.38 16.72 7.79
CA LYS C 264 1.99 17.14 7.64
C LYS C 264 1.19 16.20 6.73
N LYS C 265 1.89 15.31 6.03
CA LYS C 265 1.30 14.35 5.11
C LYS C 265 0.80 13.09 5.84
N MET C 266 0.48 13.21 7.14
CA MET C 266 -0.04 12.12 7.97
C MET C 266 -1.27 12.64 8.68
N ASN C 267 -2.22 11.76 9.01
CA ASN C 267 -3.42 12.15 9.77
C ASN C 267 -3.57 11.36 11.09
N ASP C 268 -2.72 10.31 11.30
CA ASP C 268 -2.81 9.38 12.44
C ASP C 268 -1.66 9.47 13.45
N ALA C 269 -0.83 10.52 13.36
CA ALA C 269 0.28 10.70 14.29
C ALA C 269 -0.27 11.23 15.60
N ASP C 270 0.06 10.59 16.72
CA ASP C 270 -0.34 11.10 18.02
C ASP C 270 0.94 11.61 18.66
N SER C 271 0.89 12.81 19.28
CA SER C 271 2.03 13.47 19.90
C SER C 271 2.93 12.57 20.71
N THR C 272 2.36 11.63 21.50
CA THR C 272 3.12 10.73 22.39
C THR C 272 4.02 9.77 21.59
N SER C 273 3.46 9.05 20.58
CA SER C 273 4.20 8.12 19.72
C SER C 273 5.34 8.83 18.96
N VAL C 274 5.06 10.05 18.43
CA VAL C 274 6.02 10.89 17.71
C VAL C 274 7.12 11.35 18.63
N GLU C 275 6.79 11.83 19.84
CA GLU C 275 7.76 12.28 20.86
C GLU C 275 8.59 11.10 21.35
N ALA C 276 7.98 9.90 21.46
CA ALA C 276 8.62 8.65 21.86
C ALA C 276 9.67 8.22 20.81
N MET C 277 9.37 8.40 19.49
CA MET C 277 10.33 8.07 18.43
C MET C 277 11.39 9.18 18.36
N TYR C 278 10.99 10.45 18.62
CA TYR C 278 11.96 11.57 18.62
C TYR C 278 13.00 11.38 19.73
N SER C 279 12.57 10.92 20.92
CA SER C 279 13.45 10.63 22.06
C SER C 279 14.50 9.59 21.68
N VAL C 280 14.10 8.49 20.98
CA VAL C 280 15.00 7.44 20.47
C VAL C 280 15.98 8.09 19.47
N ALA C 281 15.48 8.93 18.54
CA ALA C 281 16.30 9.60 17.54
C ALA C 281 17.31 10.54 18.20
N SER C 282 16.88 11.27 19.25
CA SER C 282 17.71 12.20 20.02
C SER C 282 18.85 11.44 20.69
N GLN C 283 18.55 10.30 21.34
CA GLN C 283 19.53 9.40 21.98
C GLN C 283 20.54 8.87 20.98
N CYS C 284 20.07 8.41 19.80
CA CYS C 284 20.92 7.91 18.71
C CYS C 284 21.88 8.99 18.21
N LEU C 285 21.44 10.25 18.21
CA LEU C 285 22.21 11.37 17.67
C LEU C 285 23.17 12.05 18.66
N HIS C 286 23.43 11.42 19.82
CA HIS C 286 24.41 11.91 20.79
C HIS C 286 25.75 12.03 20.11
N GLU C 287 26.42 13.18 20.30
CA GLU C 287 27.73 13.46 19.69
C GLU C 287 28.83 12.52 20.23
N LYS C 288 28.69 12.09 21.50
CA LYS C 288 29.61 11.16 22.17
C LYS C 288 29.14 9.73 21.89
N LYS C 289 29.88 8.98 21.07
CA LYS C 289 29.58 7.62 20.64
C LYS C 289 29.19 6.65 21.75
N ASN C 290 29.82 6.76 22.93
CA ASN C 290 29.56 5.85 24.06
C ASN C 290 28.29 6.19 24.83
N LYS C 291 27.74 7.40 24.62
CA LYS C 291 26.51 7.81 25.28
C LYS C 291 25.27 7.39 24.46
N ARG C 292 25.46 6.97 23.19
CA ARG C 292 24.41 6.47 22.29
C ARG C 292 23.92 5.10 22.76
N PRO C 293 22.63 4.76 22.58
CA PRO C 293 22.17 3.41 22.95
C PRO C 293 22.68 2.37 21.94
N ASP C 294 22.76 1.11 22.31
CA ASP C 294 23.16 0.09 21.36
C ASP C 294 21.90 -0.32 20.59
N ILE C 295 22.03 -1.10 19.50
CA ILE C 295 20.87 -1.48 18.68
C ILE C 295 19.79 -2.23 19.47
N LYS C 296 20.19 -3.08 20.45
CA LYS C 296 19.24 -3.83 21.30
C LYS C 296 18.37 -2.89 22.14
N LYS C 297 18.93 -1.77 22.62
CA LYS C 297 18.17 -0.76 23.36
C LYS C 297 17.26 0.02 22.39
N VAL C 298 17.73 0.29 21.16
CA VAL C 298 16.94 0.99 20.13
C VAL C 298 15.68 0.16 19.82
N GLN C 299 15.82 -1.18 19.64
CA GLN C 299 14.67 -2.06 19.39
C GLN C 299 13.69 -2.04 20.52
N GLN C 300 14.21 -2.12 21.76
CA GLN C 300 13.45 -2.12 23.01
C GLN C 300 12.60 -0.87 23.10
N LEU C 301 13.23 0.29 22.87
CA LEU C 301 12.57 1.60 22.92
C LEU C 301 11.51 1.74 21.83
N LEU C 302 11.77 1.23 20.59
CA LEU C 302 10.82 1.28 19.48
C LEU C 302 9.65 0.33 19.72
N GLN C 303 9.87 -0.77 20.46
CA GLN C 303 8.82 -1.72 20.82
C GLN C 303 7.88 -1.14 21.90
N GLU C 304 8.44 -0.43 22.90
CA GLU C 304 7.69 0.23 24.00
C GLU C 304 6.79 1.35 23.46
N MET C 305 7.24 2.00 22.37
CA MET C 305 6.56 3.09 21.66
C MET C 305 5.16 2.67 21.12
N THR C 306 4.97 1.37 20.78
CA THR C 306 3.70 0.83 20.25
C THR C 306 3.07 -0.24 21.14
N ARG D 12 -14.42 15.58 -26.87
CA ARG D 12 -13.97 15.95 -25.52
C ARG D 12 -12.90 14.98 -24.96
N PHE D 13 -12.79 13.78 -25.59
CA PHE D 13 -11.83 12.73 -25.30
C PHE D 13 -10.72 12.76 -26.38
N HIS D 14 -10.17 11.60 -26.77
CA HIS D 14 -9.12 11.58 -27.79
C HIS D 14 -9.29 10.45 -28.79
N SER D 15 -9.27 10.78 -30.10
CA SER D 15 -9.38 9.76 -31.14
C SER D 15 -8.00 9.21 -31.48
N PHE D 16 -7.78 7.92 -31.23
CA PHE D 16 -6.53 7.20 -31.51
C PHE D 16 -6.76 6.25 -32.71
N SER D 17 -5.70 5.90 -33.45
CA SER D 17 -5.82 4.93 -34.54
C SER D 17 -5.34 3.58 -33.97
N PHE D 18 -5.80 2.47 -34.50
CA PHE D 18 -5.48 1.12 -33.98
C PHE D 18 -3.96 0.83 -33.79
N TYR D 19 -3.11 1.06 -34.81
CA TYR D 19 -1.67 0.78 -34.70
C TYR D 19 -0.97 1.59 -33.58
N GLU D 20 -1.46 2.82 -33.27
CA GLU D 20 -0.94 3.66 -32.19
C GLU D 20 -1.08 2.91 -30.88
N LEU D 21 -2.29 2.39 -30.61
CA LEU D 21 -2.59 1.63 -29.41
C LEU D 21 -1.91 0.26 -29.39
N LYS D 22 -1.54 -0.27 -30.59
CA LYS D 22 -0.77 -1.51 -30.75
C LYS D 22 0.68 -1.14 -30.36
N ASN D 23 1.16 0.03 -30.79
CA ASN D 23 2.49 0.53 -30.42
C ASN D 23 2.60 0.89 -28.91
N VAL D 24 1.50 1.40 -28.25
CA VAL D 24 1.50 1.74 -26.81
C VAL D 24 1.49 0.48 -25.93
N THR D 25 0.81 -0.61 -26.41
CA THR D 25 0.63 -1.88 -25.68
C THR D 25 1.66 -2.99 -25.95
N ASN D 26 2.70 -2.69 -26.78
CA ASN D 26 3.77 -3.60 -27.22
C ASN D 26 3.15 -4.74 -28.06
N ASN D 27 2.36 -4.34 -29.06
CA ASN D 27 1.63 -5.18 -30.02
C ASN D 27 0.65 -6.13 -29.31
N PHE D 28 -0.13 -5.58 -28.36
CA PHE D 28 -1.11 -6.28 -27.55
C PHE D 28 -0.49 -7.58 -26.93
N ASP D 29 0.72 -7.43 -26.33
CA ASP D 29 1.51 -8.51 -25.70
C ASP D 29 0.63 -9.27 -24.71
N GLU D 30 0.31 -10.53 -25.05
CA GLU D 30 -0.61 -11.36 -24.27
C GLU D 30 0.02 -11.99 -23.01
N ARG D 31 1.33 -11.79 -22.78
CA ARG D 31 2.00 -12.32 -21.59
C ARG D 31 1.55 -11.51 -20.38
N PRO D 32 1.33 -12.16 -19.21
CA PRO D 32 0.88 -11.39 -18.03
C PRO D 32 1.83 -10.25 -17.69
N ILE D 33 1.26 -9.11 -17.23
CA ILE D 33 2.06 -7.95 -16.80
C ILE D 33 3.01 -8.34 -15.65
N SER D 34 2.64 -9.41 -14.86
CA SER D 34 3.39 -9.93 -13.72
C SER D 34 4.74 -10.54 -14.11
N VAL D 35 4.92 -10.87 -15.39
CA VAL D 35 6.18 -11.41 -15.93
C VAL D 35 6.76 -10.44 -17.00
N GLY D 36 6.32 -9.18 -16.97
CA GLY D 36 6.78 -8.14 -17.88
C GLY D 36 6.02 -7.97 -19.20
N GLY D 37 4.94 -8.73 -19.38
CA GLY D 37 4.08 -8.61 -20.56
C GLY D 37 3.11 -7.43 -20.46
N ASN D 38 2.02 -7.46 -21.25
CA ASN D 38 1.08 -6.34 -21.26
C ASN D 38 -0.37 -6.67 -20.92
N LYS D 39 -0.73 -7.96 -20.80
CA LYS D 39 -2.07 -8.43 -20.48
C LYS D 39 -2.36 -8.19 -18.99
N MET D 40 -3.45 -7.48 -18.70
CA MET D 40 -3.81 -7.16 -17.31
C MET D 40 -4.95 -8.02 -16.77
N GLY D 41 -5.92 -8.33 -17.65
CA GLY D 41 -7.07 -9.14 -17.31
C GLY D 41 -8.05 -9.28 -18.45
N GLU D 42 -8.89 -10.35 -18.40
CA GLU D 42 -9.93 -10.63 -19.37
C GLU D 42 -11.16 -9.85 -18.87
N GLY D 43 -11.38 -8.70 -19.50
CA GLY D 43 -12.44 -7.77 -19.14
C GLY D 43 -13.77 -7.99 -19.80
N GLY D 44 -14.65 -7.01 -19.66
CA GLY D 44 -16.01 -7.02 -20.20
C GLY D 44 -16.01 -6.84 -21.70
N PHE D 45 -16.07 -7.97 -22.44
CA PHE D 45 -16.08 -8.06 -23.91
C PHE D 45 -14.72 -7.64 -24.48
N GLY D 46 -13.69 -8.41 -24.15
CA GLY D 46 -12.33 -8.15 -24.62
C GLY D 46 -11.29 -8.09 -23.53
N VAL D 47 -10.01 -8.18 -23.93
CA VAL D 47 -8.87 -8.16 -23.01
C VAL D 47 -8.43 -6.71 -22.72
N VAL D 48 -7.87 -6.49 -21.52
CA VAL D 48 -7.37 -5.20 -21.04
C VAL D 48 -5.84 -5.24 -20.99
N TYR D 49 -5.23 -4.21 -21.60
CA TYR D 49 -3.79 -4.08 -21.75
C TYR D 49 -3.19 -2.85 -21.12
N LYS D 50 -1.96 -2.97 -20.61
CA LYS D 50 -1.20 -1.87 -20.05
C LYS D 50 -0.40 -1.26 -21.18
N GLY D 51 -0.33 0.07 -21.17
CA GLY D 51 0.43 0.86 -22.13
C GLY D 51 0.86 2.20 -21.58
N TYR D 52 1.51 2.99 -22.42
CA TYR D 52 2.02 4.31 -22.10
C TYR D 52 1.74 5.21 -23.28
N VAL D 53 1.00 6.29 -23.06
CA VAL D 53 0.71 7.28 -24.06
C VAL D 53 1.56 8.42 -23.55
N ASN D 54 2.79 8.48 -24.07
CA ASN D 54 3.87 9.38 -23.67
C ASN D 54 4.35 8.91 -22.29
N ASN D 55 4.11 9.68 -21.23
CA ASN D 55 4.49 9.24 -19.89
C ASN D 55 3.27 8.88 -19.08
N THR D 56 2.11 8.76 -19.72
CA THR D 56 0.88 8.43 -19.02
C THR D 56 0.65 6.93 -19.11
N THR D 57 0.49 6.25 -17.95
CA THR D 57 0.19 4.83 -17.97
C THR D 57 -1.29 4.73 -18.27
N VAL D 58 -1.65 3.85 -19.22
CA VAL D 58 -3.03 3.67 -19.67
C VAL D 58 -3.46 2.22 -19.67
N ALA D 59 -4.77 2.02 -19.56
CA ALA D 59 -5.44 0.74 -19.66
C ALA D 59 -6.17 0.80 -21.03
N VAL D 60 -5.82 -0.10 -21.94
CA VAL D 60 -6.44 -0.13 -23.27
C VAL D 60 -7.29 -1.37 -23.35
N LYS D 61 -8.59 -1.16 -23.59
CA LYS D 61 -9.53 -2.26 -23.71
C LYS D 61 -9.78 -2.49 -25.17
N LYS D 62 -9.33 -3.66 -25.65
CA LYS D 62 -9.51 -4.10 -27.03
C LYS D 62 -10.78 -4.96 -27.03
N LEU D 63 -11.91 -4.37 -27.46
CA LEU D 63 -13.20 -5.08 -27.52
C LEU D 63 -13.16 -6.21 -28.56
N ALA D 64 -13.59 -7.44 -28.12
CA ALA D 64 -13.65 -8.67 -28.93
C ALA D 64 -14.59 -9.70 -28.33
N LEU D 74 -21.86 -5.11 -29.23
CA LEU D 74 -20.43 -4.75 -29.19
C LEU D 74 -20.18 -3.25 -29.50
N LYS D 75 -20.79 -2.72 -30.59
CA LYS D 75 -20.69 -1.30 -30.95
C LYS D 75 -21.59 -0.46 -30.04
N GLN D 76 -22.79 -0.99 -29.68
CA GLN D 76 -23.72 -0.32 -28.77
C GLN D 76 -23.10 -0.25 -27.37
N GLN D 77 -22.33 -1.28 -26.97
CA GLN D 77 -21.62 -1.31 -25.70
C GLN D 77 -20.43 -0.35 -25.69
N PHE D 78 -19.72 -0.22 -26.83
CA PHE D 78 -18.61 0.70 -27.04
C PHE D 78 -19.20 2.10 -26.87
N ASP D 79 -20.31 2.36 -27.58
CA ASP D 79 -21.01 3.64 -27.54
C ASP D 79 -21.65 3.92 -26.18
N GLN D 80 -22.00 2.86 -25.42
CA GLN D 80 -22.63 3.03 -24.10
C GLN D 80 -21.59 3.52 -23.09
N GLU D 81 -20.38 2.90 -23.10
CA GLU D 81 -19.23 3.28 -22.27
C GLU D 81 -18.92 4.75 -22.45
N ILE D 82 -18.70 5.22 -23.70
CA ILE D 82 -18.42 6.63 -24.06
C ILE D 82 -19.57 7.60 -23.69
N LYS D 83 -20.83 7.14 -23.80
CA LYS D 83 -21.99 7.98 -23.49
C LYS D 83 -22.07 8.25 -22.00
N VAL D 84 -21.93 7.19 -21.17
CA VAL D 84 -21.98 7.25 -19.71
C VAL D 84 -20.76 8.04 -19.21
N MET D 85 -19.56 7.72 -19.72
CA MET D 85 -18.28 8.35 -19.37
C MET D 85 -18.21 9.85 -19.65
N ALA D 86 -18.89 10.31 -20.71
CA ALA D 86 -18.90 11.73 -21.07
C ALA D 86 -19.71 12.53 -20.04
N LYS D 87 -20.82 11.94 -19.57
CA LYS D 87 -21.72 12.51 -18.58
C LYS D 87 -21.22 12.33 -17.13
N CYS D 88 -20.69 11.15 -16.79
CA CYS D 88 -20.30 10.76 -15.43
C CYS D 88 -18.80 10.90 -15.13
N GLN D 89 -18.43 11.97 -14.40
CA GLN D 89 -17.07 12.28 -13.96
C GLN D 89 -17.08 12.48 -12.44
N HIS D 90 -16.41 11.60 -11.70
CA HIS D 90 -16.36 11.57 -10.26
C HIS D 90 -15.08 10.84 -9.85
N GLU D 91 -14.52 11.18 -8.67
CA GLU D 91 -13.30 10.54 -8.18
C GLU D 91 -13.44 9.05 -7.90
N ASN D 92 -14.67 8.53 -7.78
CA ASN D 92 -14.92 7.10 -7.54
C ASN D 92 -15.43 6.40 -8.76
N LEU D 93 -15.19 7.01 -9.94
CA LEU D 93 -15.50 6.42 -11.22
C LEU D 93 -14.25 6.46 -12.10
N VAL D 94 -13.94 5.34 -12.71
CA VAL D 94 -12.80 5.24 -13.62
C VAL D 94 -12.94 6.30 -14.75
N GLU D 95 -11.84 6.85 -15.19
CA GLU D 95 -11.81 7.91 -16.17
C GLU D 95 -11.39 7.43 -17.54
N LEU D 96 -12.17 7.84 -18.57
CA LEU D 96 -11.94 7.59 -19.99
C LEU D 96 -11.01 8.69 -20.56
N LEU D 97 -9.92 8.28 -21.19
CA LEU D 97 -8.95 9.21 -21.80
C LEU D 97 -9.21 9.41 -23.29
N GLY D 98 -9.67 8.36 -23.96
CA GLY D 98 -9.99 8.35 -25.38
C GLY D 98 -10.43 7.00 -25.89
N PHE D 99 -10.42 6.83 -27.24
CA PHE D 99 -10.86 5.60 -27.91
C PHE D 99 -10.21 5.39 -29.28
N SER D 100 -10.68 4.36 -30.03
CA SER D 100 -10.24 4.03 -31.40
C SER D 100 -11.31 3.21 -32.15
N SER D 101 -11.63 3.62 -33.40
CA SER D 101 -12.59 2.91 -34.27
C SER D 101 -11.96 2.65 -35.67
N ASP D 102 -11.25 1.51 -35.80
CA ASP D 102 -10.56 1.10 -37.02
C ASP D 102 -11.01 -0.29 -37.52
N GLY D 103 -12.02 -0.26 -38.39
CA GLY D 103 -12.63 -1.44 -38.98
C GLY D 103 -13.36 -2.33 -37.99
N ASP D 104 -12.94 -3.60 -37.95
CA ASP D 104 -13.44 -4.67 -37.09
C ASP D 104 -13.15 -4.40 -35.61
N ASP D 105 -11.90 -3.97 -35.29
CA ASP D 105 -11.43 -3.72 -33.92
C ASP D 105 -11.89 -2.37 -33.35
N LEU D 106 -12.30 -2.40 -32.05
CA LEU D 106 -12.75 -1.25 -31.25
C LEU D 106 -11.94 -1.18 -29.96
N CYS D 107 -11.43 0.03 -29.63
CA CYS D 107 -10.57 0.23 -28.47
C CYS D 107 -11.02 1.38 -27.56
N LEU D 108 -10.93 1.17 -26.23
CA LEU D 108 -11.23 2.19 -25.22
C LEU D 108 -9.99 2.43 -24.37
N VAL D 109 -9.62 3.70 -24.15
CA VAL D 109 -8.40 4.07 -23.40
C VAL D 109 -8.79 4.75 -22.07
N TYR D 110 -8.31 4.22 -20.95
CA TYR D 110 -8.64 4.73 -19.62
C TYR D 110 -7.40 5.03 -18.83
N VAL D 111 -7.59 5.70 -17.67
CA VAL D 111 -6.54 5.97 -16.68
C VAL D 111 -6.23 4.62 -16.03
N TYR D 112 -4.95 4.21 -16.02
CA TYR D 112 -4.49 2.94 -15.46
C TYR D 112 -4.71 2.86 -13.94
N MET D 113 -5.10 1.67 -13.44
CA MET D 113 -5.35 1.44 -12.01
C MET D 113 -4.23 0.57 -11.43
N PRO D 114 -3.22 1.21 -10.77
CA PRO D 114 -2.06 0.44 -10.26
C PRO D 114 -2.31 -0.73 -9.33
N ASN D 115 -3.48 -0.77 -8.65
CA ASN D 115 -3.78 -1.91 -7.77
C ASN D 115 -4.84 -2.83 -8.31
N GLY D 116 -5.12 -2.75 -9.60
CA GLY D 116 -6.07 -3.64 -10.25
C GLY D 116 -7.47 -3.62 -9.70
N SER D 117 -8.10 -4.81 -9.61
CA SER D 117 -9.48 -4.91 -9.14
C SER D 117 -9.58 -5.32 -7.70
N LEU D 118 -10.72 -5.01 -7.07
CA LEU D 118 -11.02 -5.40 -5.70
C LEU D 118 -11.01 -6.92 -5.60
N LEU D 119 -11.58 -7.61 -6.61
CA LEU D 119 -11.58 -9.09 -6.66
C LEU D 119 -10.15 -9.65 -6.52
N ASP D 120 -9.21 -9.17 -7.34
CA ASP D 120 -7.82 -9.61 -7.33
C ASP D 120 -7.11 -9.27 -6.01
N ARG D 121 -7.43 -8.12 -5.39
CA ARG D 121 -6.83 -7.74 -4.13
C ARG D 121 -7.37 -8.54 -2.98
N LEU D 122 -8.65 -8.92 -3.04
CA LEU D 122 -9.25 -9.75 -1.98
C LEU D 122 -8.75 -11.17 -2.04
N SER D 123 -8.34 -11.63 -3.22
CA SER D 123 -7.81 -12.98 -3.41
C SER D 123 -6.27 -13.03 -3.37
N CYS D 124 -5.61 -11.90 -3.12
CA CYS D 124 -4.15 -11.72 -3.03
C CYS D 124 -3.42 -12.23 -4.26
N LEU D 125 -4.01 -12.01 -5.42
CA LEU D 125 -3.50 -12.43 -6.70
C LEU D 125 -2.14 -11.82 -6.93
N ASP D 126 -1.17 -12.63 -7.39
CA ASP D 126 0.20 -12.25 -7.75
C ASP D 126 1.05 -11.76 -6.57
N GLY D 127 0.78 -12.32 -5.40
CA GLY D 127 1.56 -12.04 -4.21
C GLY D 127 1.31 -10.77 -3.47
N THR D 128 0.16 -10.12 -3.71
CA THR D 128 -0.12 -8.86 -3.04
C THR D 128 -0.57 -9.11 -1.61
N PRO D 129 -0.25 -8.24 -0.64
CA PRO D 129 -0.65 -8.55 0.74
C PRO D 129 -2.15 -8.42 0.97
N PRO D 130 -2.70 -9.17 1.93
CA PRO D 130 -4.14 -9.00 2.25
C PRO D 130 -4.50 -7.57 2.61
N LEU D 131 -5.69 -7.09 2.20
CA LEU D 131 -6.14 -5.73 2.51
C LEU D 131 -6.51 -5.67 3.97
N SER D 132 -6.13 -4.60 4.67
CA SER D 132 -6.45 -4.45 6.07
C SER D 132 -7.91 -4.11 6.19
N TRP D 133 -8.47 -4.24 7.40
CA TRP D 133 -9.87 -3.90 7.63
C TRP D 133 -10.12 -2.42 7.41
N HIS D 134 -9.18 -1.58 7.81
CA HIS D 134 -9.19 -0.14 7.65
C HIS D 134 -9.30 0.23 6.15
N MET D 135 -8.44 -0.36 5.30
CA MET D 135 -8.47 -0.15 3.86
C MET D 135 -9.81 -0.65 3.27
N ARG D 136 -10.30 -1.82 3.74
CA ARG D 136 -11.57 -2.40 3.29
C ARG D 136 -12.77 -1.47 3.55
N CYS D 137 -12.79 -0.76 4.70
CA CYS D 137 -13.82 0.23 5.05
C CYS D 137 -13.79 1.43 4.13
N LYS D 138 -12.61 1.91 3.78
CA LYS D 138 -12.42 3.05 2.88
C LYS D 138 -12.82 2.73 1.46
N ILE D 139 -12.60 1.48 1.03
CA ILE D 139 -12.96 1.00 -0.31
C ILE D 139 -14.47 0.88 -0.43
N ALA D 140 -15.14 0.35 0.61
CA ALA D 140 -16.60 0.21 0.66
C ALA D 140 -17.25 1.59 0.54
N GLN D 141 -16.73 2.59 1.29
CA GLN D 141 -17.19 3.99 1.29
C GLN D 141 -17.00 4.62 -0.09
N GLY D 142 -15.84 4.42 -0.69
CA GLY D 142 -15.52 4.93 -2.02
C GLY D 142 -16.41 4.33 -3.08
N ALA D 143 -16.59 2.99 -3.06
CA ALA D 143 -17.45 2.29 -4.02
C ALA D 143 -18.91 2.81 -3.93
N ALA D 144 -19.42 3.01 -2.69
CA ALA D 144 -20.78 3.54 -2.42
C ALA D 144 -20.94 4.96 -2.93
N ASN D 145 -19.88 5.79 -2.81
CA ASN D 145 -19.89 7.17 -3.31
C ASN D 145 -19.98 7.19 -4.82
N GLY D 146 -19.32 6.26 -5.48
CA GLY D 146 -19.36 6.15 -6.94
C GLY D 146 -20.74 5.72 -7.43
N ILE D 147 -21.39 4.72 -6.76
CA ILE D 147 -22.73 4.25 -7.08
C ILE D 147 -23.73 5.38 -6.84
N ASN D 148 -23.59 6.12 -5.71
CA ASN D 148 -24.43 7.27 -5.40
C ASN D 148 -24.41 8.29 -6.52
N PHE D 149 -23.21 8.58 -7.05
CA PHE D 149 -23.06 9.51 -8.17
C PHE D 149 -23.82 9.05 -9.38
N LEU D 150 -23.72 7.75 -9.71
CA LEU D 150 -24.41 7.15 -10.84
C LEU D 150 -25.92 7.23 -10.67
N HIS D 151 -26.44 6.88 -9.47
CA HIS D 151 -27.88 6.93 -9.19
C HIS D 151 -28.41 8.36 -9.15
N GLU D 152 -27.62 9.32 -8.62
CA GLU D 152 -27.99 10.74 -8.56
C GLU D 152 -28.14 11.29 -9.98
N ASN D 153 -27.41 10.71 -10.93
CA ASN D 153 -27.38 11.10 -12.34
C ASN D 153 -28.22 10.18 -13.19
N HIS D 154 -29.12 9.41 -12.53
CA HIS D 154 -30.14 8.54 -13.12
C HIS D 154 -29.55 7.42 -13.99
N HIS D 155 -28.52 6.76 -13.49
CA HIS D 155 -27.88 5.63 -14.16
C HIS D 155 -27.96 4.40 -13.30
N ILE D 156 -28.22 3.27 -13.94
CA ILE D 156 -28.25 1.95 -13.33
C ILE D 156 -27.05 1.23 -13.95
N HIS D 157 -26.08 0.82 -13.11
CA HIS D 157 -24.86 0.15 -13.56
C HIS D 157 -25.17 -1.23 -14.21
N ARG D 158 -25.97 -2.08 -13.53
CA ARG D 158 -26.41 -3.43 -13.93
C ARG D 158 -25.32 -4.55 -13.81
N ASP D 159 -24.06 -4.21 -13.44
CA ASP D 159 -22.99 -5.20 -13.27
C ASP D 159 -22.01 -4.80 -12.14
N ILE D 160 -22.57 -4.41 -10.99
CA ILE D 160 -21.81 -4.10 -9.79
C ILE D 160 -21.31 -5.42 -9.25
N LYS D 161 -19.97 -5.53 -9.15
CA LYS D 161 -19.25 -6.72 -8.67
C LYS D 161 -17.83 -6.32 -8.34
N SER D 162 -17.15 -7.14 -7.54
CA SER D 162 -15.79 -6.83 -7.09
C SER D 162 -14.75 -6.75 -8.24
N ALA D 163 -14.99 -7.44 -9.38
CA ALA D 163 -14.12 -7.35 -10.57
C ALA D 163 -14.26 -5.95 -11.22
N ASN D 164 -15.45 -5.29 -11.04
CA ASN D 164 -15.73 -3.98 -11.61
C ASN D 164 -15.46 -2.81 -10.66
N ILE D 165 -14.80 -3.08 -9.51
CA ILE D 165 -14.40 -2.04 -8.57
C ILE D 165 -12.88 -2.02 -8.63
N LEU D 166 -12.31 -0.97 -9.18
CA LEU D 166 -10.86 -0.87 -9.37
C LEU D 166 -10.18 0.00 -8.33
N LEU D 167 -8.91 -0.24 -8.12
CA LEU D 167 -8.12 0.41 -7.07
C LEU D 167 -6.88 1.13 -7.61
N ASP D 168 -6.74 2.44 -7.32
CA ASP D 168 -5.57 3.21 -7.80
C ASP D 168 -4.35 3.05 -6.88
N GLU D 169 -3.30 3.92 -7.03
CA GLU D 169 -2.08 3.84 -6.18
C GLU D 169 -2.37 4.07 -4.68
N ALA D 170 -3.42 4.82 -4.30
CA ALA D 170 -3.80 5.05 -2.90
C ALA D 170 -4.98 4.15 -2.43
N PHE D 171 -5.39 3.16 -3.26
CA PHE D 171 -6.48 2.22 -3.03
C PHE D 171 -7.85 2.92 -3.02
N THR D 172 -7.98 4.00 -3.81
CA THR D 172 -9.25 4.70 -4.01
C THR D 172 -10.09 3.81 -4.93
N ALA D 173 -11.31 3.45 -4.46
CA ALA D 173 -12.24 2.60 -5.21
C ALA D 173 -12.81 3.36 -6.42
N LYS D 174 -12.81 2.75 -7.59
CA LYS D 174 -13.35 3.34 -8.83
C LYS D 174 -14.27 2.33 -9.50
N ILE D 175 -15.56 2.65 -9.62
CA ILE D 175 -16.50 1.81 -10.35
C ILE D 175 -16.11 1.84 -11.85
N SER D 176 -16.09 0.68 -12.50
CA SER D 176 -15.75 0.58 -13.93
C SER D 176 -16.77 -0.25 -14.70
N ASP D 177 -16.59 -0.29 -16.04
CA ASP D 177 -17.36 -1.04 -17.01
C ASP D 177 -18.82 -0.62 -17.04
N PHE D 178 -19.10 0.46 -17.78
CA PHE D 178 -20.45 0.99 -17.92
C PHE D 178 -21.08 0.58 -19.26
N GLY D 179 -20.58 -0.52 -19.85
CA GLY D 179 -21.09 -1.07 -21.12
C GLY D 179 -22.53 -1.54 -21.07
N LEU D 180 -22.96 -2.06 -19.89
CA LEU D 180 -24.32 -2.53 -19.65
C LEU D 180 -25.19 -1.47 -18.96
N ALA D 181 -24.62 -0.29 -18.61
CA ALA D 181 -25.32 0.78 -17.90
C ALA D 181 -26.57 1.28 -18.62
N ARG D 182 -27.60 1.63 -17.84
CA ARG D 182 -28.88 2.14 -18.34
C ARG D 182 -29.28 3.48 -17.72
N ALA D 183 -29.92 4.35 -18.50
CA ALA D 183 -30.46 5.61 -18.01
C ALA D 183 -31.87 5.34 -17.43
N SER D 184 -32.10 5.78 -16.18
CA SER D 184 -33.33 5.60 -15.41
C SER D 184 -34.10 6.92 -15.19
N GLU D 185 -35.31 6.83 -14.59
CA GLU D 185 -36.24 7.91 -14.23
C GLU D 185 -36.49 8.92 -15.36
N VAL D 191 -39.15 -0.85 -15.08
CA VAL D 191 -38.86 -1.19 -16.48
C VAL D 191 -38.57 -2.69 -16.58
N MET D 192 -38.86 -3.33 -17.73
CA MET D 192 -38.60 -4.75 -17.98
C MET D 192 -37.80 -4.94 -19.26
N ARG D 195 -33.56 -9.06 -22.83
CA ARG D 195 -32.15 -9.45 -22.81
C ARG D 195 -31.57 -9.20 -21.41
N ILE D 196 -31.58 -10.26 -20.57
CA ILE D 196 -31.12 -10.21 -19.18
C ILE D 196 -29.59 -10.26 -19.14
N VAL D 197 -28.99 -9.19 -18.58
CA VAL D 197 -27.54 -9.06 -18.44
C VAL D 197 -27.16 -8.83 -16.97
N GLY D 198 -25.93 -9.20 -16.64
CA GLY D 198 -25.37 -9.13 -15.30
C GLY D 198 -24.62 -10.40 -14.94
N THR D 199 -24.19 -10.51 -13.67
CA THR D 199 -23.45 -11.66 -13.16
C THR D 199 -24.33 -12.33 -12.13
N THR D 200 -24.82 -13.55 -12.44
CA THR D 200 -25.80 -14.31 -11.65
C THR D 200 -25.55 -14.30 -10.15
N ALA D 201 -24.29 -14.53 -9.73
CA ALA D 201 -23.89 -14.57 -8.34
C ALA D 201 -24.11 -13.26 -7.57
N TYR D 202 -24.27 -12.13 -8.30
CA TYR D 202 -24.49 -10.80 -7.75
C TYR D 202 -25.90 -10.25 -8.01
N MET D 203 -26.68 -10.91 -8.89
CA MET D 203 -27.99 -10.43 -9.33
C MET D 203 -29.11 -10.58 -8.33
N ALA D 204 -29.96 -9.55 -8.23
CA ALA D 204 -31.14 -9.53 -7.35
C ALA D 204 -32.22 -10.43 -7.95
N PRO D 205 -33.17 -10.97 -7.14
CA PRO D 205 -34.23 -11.84 -7.72
C PRO D 205 -34.98 -11.19 -8.90
N GLU D 206 -35.34 -9.88 -8.79
CA GLU D 206 -36.05 -9.17 -9.85
C GLU D 206 -35.23 -8.94 -11.13
N ALA D 207 -33.90 -8.77 -10.99
CA ALA D 207 -33.00 -8.56 -12.13
C ALA D 207 -32.87 -9.83 -12.93
N LEU D 208 -32.95 -11.00 -12.24
CA LEU D 208 -32.92 -12.33 -12.86
C LEU D 208 -34.22 -12.60 -13.64
N ARG D 209 -35.31 -11.91 -13.26
CA ARG D 209 -36.61 -11.98 -13.92
C ARG D 209 -36.69 -11.02 -15.10
N GLY D 210 -35.79 -10.04 -15.15
CA GLY D 210 -35.72 -9.07 -16.24
C GLY D 210 -36.04 -7.64 -15.88
N GLU D 211 -36.33 -7.34 -14.61
CA GLU D 211 -36.61 -5.98 -14.18
C GLU D 211 -35.33 -5.13 -14.23
N ILE D 212 -35.49 -3.83 -14.56
CA ILE D 212 -34.38 -2.86 -14.60
C ILE D 212 -34.69 -1.76 -13.58
N THR D 213 -33.94 -1.75 -12.46
CA THR D 213 -34.12 -0.81 -11.34
C THR D 213 -32.79 -0.52 -10.58
N PRO D 214 -32.56 0.70 -10.03
CA PRO D 214 -31.32 0.93 -9.26
C PRO D 214 -31.27 0.10 -7.97
N LYS D 215 -32.40 -0.45 -7.54
CA LYS D 215 -32.53 -1.29 -6.34
C LYS D 215 -31.75 -2.58 -6.49
N SER D 216 -31.56 -3.03 -7.76
CA SER D 216 -30.80 -4.21 -8.10
C SER D 216 -29.29 -3.97 -7.88
N ASP D 217 -28.78 -2.75 -8.17
CA ASP D 217 -27.39 -2.31 -7.93
C ASP D 217 -27.07 -2.37 -6.42
N ILE D 218 -28.07 -2.05 -5.55
CA ILE D 218 -27.95 -2.10 -4.09
C ILE D 218 -27.76 -3.54 -3.64
N TYR D 219 -28.55 -4.48 -4.21
CA TYR D 219 -28.46 -5.88 -3.88
C TYR D 219 -27.04 -6.37 -4.18
N SER D 220 -26.54 -6.14 -5.43
CA SER D 220 -25.20 -6.47 -5.92
C SER D 220 -24.11 -5.89 -5.02
N PHE D 221 -24.28 -4.62 -4.52
CA PHE D 221 -23.35 -3.99 -3.60
C PHE D 221 -23.29 -4.74 -2.27
N GLY D 222 -24.41 -5.30 -1.84
CA GLY D 222 -24.52 -6.14 -0.64
C GLY D 222 -23.65 -7.36 -0.74
N VAL D 223 -23.57 -7.99 -1.93
CA VAL D 223 -22.71 -9.16 -2.19
C VAL D 223 -21.25 -8.73 -2.11
N VAL D 224 -20.91 -7.55 -2.68
CA VAL D 224 -19.56 -6.97 -2.66
C VAL D 224 -19.13 -6.74 -1.22
N LEU D 225 -20.03 -6.20 -0.38
CA LEU D 225 -19.74 -6.01 1.05
C LEU D 225 -19.45 -7.32 1.75
N LEU D 226 -20.14 -8.42 1.37
CA LEU D 226 -19.88 -9.74 1.93
C LEU D 226 -18.51 -10.25 1.50
N GLU D 227 -18.10 -9.97 0.26
CA GLU D 227 -16.78 -10.33 -0.28
C GLU D 227 -15.69 -9.57 0.49
N ILE D 228 -15.92 -8.30 0.85
CA ILE D 228 -15.00 -7.47 1.63
C ILE D 228 -14.84 -8.04 3.07
N ILE D 229 -15.95 -8.47 3.72
CA ILE D 229 -15.92 -9.04 5.07
C ILE D 229 -15.21 -10.39 5.10
N THR D 230 -15.55 -11.27 4.17
CA THR D 230 -15.11 -12.67 4.13
C THR D 230 -13.89 -13.00 3.27
N GLY D 231 -13.63 -12.21 2.23
CA GLY D 231 -12.57 -12.47 1.27
C GLY D 231 -12.88 -13.65 0.37
N LEU D 232 -14.12 -14.18 0.44
CA LEU D 232 -14.59 -15.32 -0.34
C LEU D 232 -15.20 -14.87 -1.67
N PRO D 233 -15.05 -15.63 -2.78
CA PRO D 233 -15.70 -15.22 -4.03
C PRO D 233 -17.22 -15.42 -3.95
N ALA D 234 -18.00 -14.61 -4.71
CA ALA D 234 -19.46 -14.61 -4.76
C ALA D 234 -20.06 -16.00 -5.03
N VAL D 235 -19.38 -16.79 -5.88
CA VAL D 235 -19.74 -18.14 -6.22
C VAL D 235 -18.52 -19.04 -6.15
N ASP D 236 -18.71 -20.23 -5.58
CA ASP D 236 -17.71 -21.29 -5.55
C ASP D 236 -18.47 -22.62 -5.67
N GLU D 237 -18.32 -23.31 -6.82
CA GLU D 237 -19.01 -24.58 -7.07
C GLU D 237 -18.71 -25.65 -6.03
N HIS D 238 -17.47 -25.67 -5.51
CA HIS D 238 -17.10 -26.63 -4.48
C HIS D 238 -17.30 -26.05 -3.09
N ARG D 239 -18.37 -25.29 -2.83
CA ARG D 239 -18.54 -24.71 -1.50
C ARG D 239 -19.97 -24.86 -1.03
N GLU D 240 -20.15 -24.93 0.29
CA GLU D 240 -21.46 -24.96 0.91
C GLU D 240 -21.56 -23.76 1.85
N PRO D 241 -22.32 -22.70 1.48
CA PRO D 241 -23.16 -22.59 0.27
C PRO D 241 -22.37 -22.18 -0.95
N GLN D 242 -22.87 -22.55 -2.13
CA GLN D 242 -22.24 -22.23 -3.41
C GLN D 242 -22.21 -20.72 -3.62
N LEU D 243 -23.32 -20.06 -3.28
CA LEU D 243 -23.49 -18.62 -3.42
C LEU D 243 -23.29 -17.94 -2.12
N LEU D 244 -22.36 -16.97 -2.10
CA LEU D 244 -22.00 -16.17 -0.92
C LEU D 244 -23.17 -15.47 -0.29
N LEU D 245 -24.14 -14.95 -1.11
CA LEU D 245 -25.36 -14.30 -0.60
C LEU D 245 -26.14 -15.16 0.40
N ASP D 246 -26.04 -16.52 0.28
CA ASP D 246 -26.72 -17.52 1.13
C ASP D 246 -26.21 -17.60 2.58
N ILE D 247 -25.02 -17.02 2.87
CA ILE D 247 -24.47 -17.01 4.23
C ILE D 247 -25.34 -16.13 5.14
N LYS D 248 -26.13 -15.21 4.55
CA LYS D 248 -27.06 -14.33 5.23
C LYS D 248 -28.13 -15.18 5.97
N GLU D 249 -28.62 -16.25 5.31
CA GLU D 249 -29.60 -17.21 5.80
C GLU D 249 -29.01 -18.04 6.95
N GLU D 250 -27.78 -18.58 6.77
CA GLU D 250 -27.01 -19.34 7.76
C GLU D 250 -26.84 -18.55 9.06
N ILE D 251 -26.54 -17.24 8.95
CA ILE D 251 -26.37 -16.34 10.08
C ILE D 251 -27.72 -16.00 10.74
N GLU D 252 -28.79 -15.81 9.93
CA GLU D 252 -30.14 -15.51 10.43
C GLU D 252 -30.72 -16.72 11.20
N ASP D 253 -30.46 -17.95 10.71
CA ASP D 253 -30.93 -19.21 11.30
C ASP D 253 -30.00 -19.76 12.41
N GLU D 254 -29.05 -18.92 12.90
CA GLU D 254 -28.07 -19.19 13.96
C GLU D 254 -27.22 -20.47 13.77
N GLU D 255 -27.10 -20.97 12.52
CA GLU D 255 -26.28 -22.14 12.18
C GLU D 255 -24.80 -21.73 12.24
N LYS D 256 -24.54 -20.42 11.93
CA LYS D 256 -23.24 -19.77 11.91
C LYS D 256 -23.32 -18.31 12.36
N THR D 257 -22.17 -17.73 12.71
CA THR D 257 -22.03 -16.32 13.13
C THR D 257 -21.24 -15.56 12.07
N ILE D 258 -21.26 -14.22 12.11
CA ILE D 258 -20.50 -13.38 11.18
C ILE D 258 -19.00 -13.64 11.44
N GLU D 259 -18.63 -13.78 12.74
CA GLU D 259 -17.28 -14.03 13.25
C GLU D 259 -16.63 -15.24 12.58
N ASP D 260 -17.41 -16.28 12.29
CA ASP D 260 -16.94 -17.50 11.61
C ASP D 260 -16.60 -17.24 10.15
N TYR D 261 -17.18 -16.16 9.57
CA TYR D 261 -16.98 -15.82 8.18
C TYR D 261 -15.99 -14.73 7.92
N ILE D 262 -15.63 -13.92 8.94
CA ILE D 262 -14.63 -12.85 8.81
C ILE D 262 -13.34 -13.39 8.19
N ASP D 263 -12.85 -12.70 7.16
CA ASP D 263 -11.63 -13.07 6.46
C ASP D 263 -10.52 -13.26 7.49
N LYS D 264 -9.90 -14.44 7.46
CA LYS D 264 -8.78 -14.84 8.34
C LYS D 264 -7.46 -14.18 7.95
N LYS D 265 -7.41 -13.57 6.75
CA LYS D 265 -6.25 -12.85 6.25
C LYS D 265 -6.19 -11.40 6.73
N MET D 266 -6.84 -11.08 7.86
CA MET D 266 -6.80 -9.74 8.44
C MET D 266 -6.40 -9.89 9.88
N ASN D 267 -5.78 -8.85 10.48
CA ASN D 267 -5.44 -8.86 11.91
C ASN D 267 -6.03 -7.67 12.66
N ASP D 268 -6.60 -6.68 11.93
CA ASP D 268 -7.10 -5.41 12.50
C ASP D 268 -8.62 -5.23 12.52
N ALA D 269 -9.38 -6.31 12.26
CA ALA D 269 -10.83 -6.22 12.25
C ALA D 269 -11.33 -6.22 13.69
N ASP D 270 -12.24 -5.31 13.99
CA ASP D 270 -12.87 -5.29 15.30
C ASP D 270 -14.31 -5.67 15.05
N SER D 271 -14.86 -6.51 15.94
CA SER D 271 -16.19 -7.06 15.86
C SER D 271 -17.28 -6.04 15.58
N THR D 272 -17.24 -4.87 16.25
CA THR D 272 -18.25 -3.83 16.15
C THR D 272 -18.38 -3.28 14.72
N SER D 273 -17.25 -2.87 14.09
CA SER D 273 -17.28 -2.34 12.73
C SER D 273 -17.55 -3.43 11.70
N VAL D 274 -17.11 -4.67 11.94
CA VAL D 274 -17.43 -5.78 11.03
C VAL D 274 -18.95 -6.06 11.04
N GLU D 275 -19.56 -6.07 12.25
CA GLU D 275 -20.99 -6.29 12.44
C GLU D 275 -21.79 -5.16 11.83
N ALA D 276 -21.27 -3.92 11.90
CA ALA D 276 -21.91 -2.74 11.30
C ALA D 276 -21.86 -2.82 9.76
N MET D 277 -20.77 -3.36 9.17
CA MET D 277 -20.74 -3.51 7.72
C MET D 277 -21.65 -4.67 7.32
N TYR D 278 -21.69 -5.74 8.16
CA TYR D 278 -22.55 -6.89 7.89
C TYR D 278 -24.01 -6.49 7.88
N SER D 279 -24.43 -5.64 8.83
CA SER D 279 -25.80 -5.11 8.96
C SER D 279 -26.20 -4.38 7.67
N VAL D 280 -25.30 -3.52 7.11
CA VAL D 280 -25.49 -2.80 5.84
C VAL D 280 -25.65 -3.82 4.72
N ALA D 281 -24.78 -4.84 4.67
CA ALA D 281 -24.81 -5.91 3.64
C ALA D 281 -26.13 -6.69 3.71
N SER D 282 -26.59 -7.01 4.94
CA SER D 282 -27.82 -7.73 5.22
C SER D 282 -29.02 -6.92 4.69
N GLN D 283 -29.07 -5.62 4.98
CA GLN D 283 -30.12 -4.71 4.51
C GLN D 283 -30.15 -4.65 2.98
N CYS D 284 -28.97 -4.53 2.34
CA CYS D 284 -28.84 -4.51 0.87
C CYS D 284 -29.35 -5.76 0.22
N LEU D 285 -29.16 -6.90 0.90
CA LEU D 285 -29.53 -8.24 0.39
C LEU D 285 -30.99 -8.68 0.65
N HIS D 286 -31.87 -7.74 1.07
CA HIS D 286 -33.28 -8.01 1.27
C HIS D 286 -33.87 -8.52 -0.05
N GLU D 287 -34.62 -9.64 0.01
CA GLU D 287 -35.23 -10.23 -1.18
C GLU D 287 -36.31 -9.33 -1.81
N LYS D 288 -36.98 -8.50 -0.98
CA LYS D 288 -38.00 -7.54 -1.41
C LYS D 288 -37.28 -6.23 -1.76
N LYS D 289 -37.21 -5.89 -3.07
CA LYS D 289 -36.53 -4.69 -3.58
C LYS D 289 -36.86 -3.38 -2.86
N ASN D 290 -38.11 -3.21 -2.43
CA ASN D 290 -38.58 -1.97 -1.78
C ASN D 290 -38.18 -1.88 -0.32
N LYS D 291 -37.77 -3.01 0.28
CA LYS D 291 -37.32 -3.02 1.67
C LYS D 291 -35.81 -2.75 1.80
N ARG D 292 -35.07 -2.77 0.67
CA ARG D 292 -33.64 -2.44 0.58
C ARG D 292 -33.41 -0.94 0.82
N PRO D 293 -32.27 -0.53 1.45
CA PRO D 293 -32.02 0.92 1.59
C PRO D 293 -31.59 1.50 0.24
N ASP D 294 -31.75 2.80 0.06
CA ASP D 294 -31.28 3.43 -1.17
C ASP D 294 -29.77 3.72 -0.99
N ILE D 295 -29.06 4.06 -2.06
CA ILE D 295 -27.61 4.28 -2.00
C ILE D 295 -27.22 5.38 -1.00
N LYS D 296 -28.03 6.44 -0.84
CA LYS D 296 -27.79 7.52 0.14
C LYS D 296 -27.78 7.01 1.56
N LYS D 297 -28.67 6.07 1.89
CA LYS D 297 -28.75 5.45 3.21
C LYS D 297 -27.52 4.52 3.40
N VAL D 298 -27.10 3.81 2.32
CA VAL D 298 -25.92 2.94 2.34
C VAL D 298 -24.66 3.75 2.73
N GLN D 299 -24.43 4.93 2.10
CA GLN D 299 -23.28 5.79 2.39
C GLN D 299 -23.32 6.30 3.82
N GLN D 300 -24.52 6.67 4.30
CA GLN D 300 -24.78 7.18 5.64
C GLN D 300 -24.38 6.12 6.66
N LEU D 301 -24.84 4.88 6.45
CA LEU D 301 -24.57 3.75 7.31
C LEU D 301 -23.08 3.37 7.32
N LEU D 302 -22.41 3.43 6.14
CA LEU D 302 -20.98 3.13 6.03
C LEU D 302 -20.12 4.23 6.68
N GLN D 303 -20.63 5.48 6.71
CA GLN D 303 -19.95 6.60 7.38
C GLN D 303 -20.07 6.47 8.90
N GLU D 304 -21.23 6.04 9.44
CA GLU D 304 -21.48 5.86 10.87
C GLU D 304 -20.63 4.72 11.45
N MET D 305 -20.31 3.72 10.60
CA MET D 305 -19.48 2.56 10.91
C MET D 305 -18.05 2.95 11.35
N THR D 306 -17.50 4.09 10.85
CA THR D 306 -16.15 4.58 11.15
C THR D 306 -16.14 5.94 11.87
#